data_9BN7
#
_entry.id   9BN7
#
_cell.length_a   54.588
_cell.length_b   89.452
_cell.length_c   342.772
_cell.angle_alpha   90.00
_cell.angle_beta   90.00
_cell.angle_gamma   90.00
#
_symmetry.space_group_name_H-M   'C 2 2 21'
#
loop_
_entity.id
_entity.type
_entity.pdbx_description
1 polymer 'Tumor necrosis factor'
2 polymer VNARC4
3 non-polymer 1,2-ETHANEDIOL
4 non-polymer 'SULFATE ION'
5 non-polymer 'NICKEL (II) ION'
6 water water
#
loop_
_entity_poly.entity_id
_entity_poly.type
_entity_poly.pdbx_seq_one_letter_code
_entity_poly.pdbx_strand_id
1 'polypeptide(L)'
;VRSSSRTPSDKPVAHVVANPQAEGQLQWLNRRANALLANGVELRDNQLVVPSEGLYLIYSQVLFKGQGCPSTHVLLTHTI
SRIAVSYQTKVNLLSAIKSPCQRETPEGAEAKPWYEPIYLGGVFQLEKGDRLSAEINRPDYLDFAESGQVYFGIIAL
;
A,B,C
2 'polypeptide(L)'
;ARVDQTPQTITKETGESLTINCVLRDSNCGLSSTYWYRKKSGSTNEESISKGGRYVETINEGSKSFSLRINDLTVEDSGT
YRCKLSWWTQNWRCSNSDVYGGGTVVTVNHHHHHH
;
D,E,F
#
loop_
_chem_comp.id
_chem_comp.type
_chem_comp.name
_chem_comp.formula
EDO non-polymer 1,2-ETHANEDIOL 'C2 H6 O2'
NI non-polymer 'NICKEL (II) ION' 'Ni 2'
SO4 non-polymer 'SULFATE ION' 'O4 S -2'
#
# COMPACT_ATOMS: atom_id res chain seq x y z
N SER A 9 26.78 27.42 -14.75
CA SER A 9 27.19 26.06 -15.08
C SER A 9 26.96 25.75 -16.57
N ASP A 10 27.79 24.88 -17.12
CA ASP A 10 27.71 24.51 -18.54
C ASP A 10 27.23 23.08 -18.73
N LYS A 11 26.78 22.41 -17.68
CA LYS A 11 26.34 21.03 -17.80
C LYS A 11 25.00 20.96 -18.50
N PRO A 12 24.83 20.06 -19.47
CA PRO A 12 23.49 19.79 -20.00
C PRO A 12 22.55 19.38 -18.89
N VAL A 13 21.40 20.03 -18.82
CA VAL A 13 20.50 19.80 -17.69
C VAL A 13 19.07 20.05 -18.13
N ALA A 14 18.14 19.28 -17.55
CA ALA A 14 16.72 19.51 -17.74
C ALA A 14 15.97 19.13 -16.49
N HIS A 15 14.86 19.84 -16.23
CA HIS A 15 13.92 19.44 -15.20
C HIS A 15 12.56 19.96 -15.65
N VAL A 16 11.77 19.09 -16.28
CA VAL A 16 10.48 19.46 -16.83
C VAL A 16 9.39 18.91 -15.93
N VAL A 17 8.22 19.56 -15.97
CA VAL A 17 7.10 19.18 -15.12
C VAL A 17 5.89 18.88 -16.00
N ALA A 18 4.95 18.13 -15.42
CA ALA A 18 3.73 17.82 -16.14
C ALA A 18 2.92 19.09 -16.37
N ASN A 19 2.32 19.19 -17.53
CA ASN A 19 1.46 20.30 -17.89
C ASN A 19 0.11 20.12 -17.22
N PRO A 20 -0.28 21.01 -16.29
CA PRO A 20 -1.59 20.87 -15.64
C PRO A 20 -2.76 21.12 -16.56
N GLN A 21 -2.51 21.60 -17.77
CA GLN A 21 -3.55 21.95 -18.73
C GLN A 21 -3.97 20.78 -19.62
N ALA A 22 -3.14 19.73 -19.72
CA ALA A 22 -3.47 18.58 -20.54
C ALA A 22 -4.68 17.83 -19.98
N GLU A 23 -5.39 17.14 -20.85
CA GLU A 23 -6.54 16.36 -20.44
C GLU A 23 -6.12 14.90 -20.43
N GLY A 24 -5.92 14.36 -19.23
CA GLY A 24 -5.58 12.96 -19.03
C GLY A 24 -4.42 12.46 -19.86
N GLN A 25 -3.33 13.22 -19.85
CA GLN A 25 -2.17 12.91 -20.67
C GLN A 25 -0.94 13.51 -20.01
N LEU A 26 0.18 12.82 -20.10
CA LEU A 26 1.41 13.25 -19.46
C LEU A 26 2.22 14.03 -20.48
N GLN A 27 2.14 15.36 -20.42
CA GLN A 27 2.81 16.27 -21.34
C GLN A 27 3.80 17.13 -20.56
N TRP A 28 5.07 17.12 -20.98
CA TRP A 28 6.12 17.80 -20.26
C TRP A 28 6.30 19.25 -20.73
N LEU A 29 6.59 20.15 -19.77
CA LEU A 29 6.80 21.57 -20.05
C LEU A 29 8.08 22.06 -19.38
N ASN A 30 8.79 22.97 -20.05
CA ASN A 30 10.00 23.56 -19.45
C ASN A 30 9.77 24.97 -18.90
N ARG A 31 8.96 25.79 -19.57
CA ARG A 31 8.83 27.23 -19.32
C ARG A 31 8.52 27.63 -17.88
N ARG A 32 8.24 26.67 -17.02
CA ARG A 32 7.86 26.98 -15.65
C ARG A 32 9.04 27.52 -14.85
N ALA A 33 8.72 28.25 -13.78
CA ALA A 33 9.71 28.59 -12.76
C ALA A 33 10.06 27.33 -11.97
N ASN A 34 11.31 27.29 -11.48
CA ASN A 34 11.87 26.11 -10.82
C ASN A 34 11.86 24.89 -11.74
N ALA A 35 11.96 25.14 -13.05
CA ALA A 35 12.12 24.13 -14.09
C ALA A 35 13.32 24.52 -14.93
N LEU A 36 13.93 23.54 -15.58
CA LEU A 36 15.18 23.76 -16.29
C LEU A 36 15.15 23.10 -17.67
N LEU A 37 15.90 23.69 -18.59
CA LEU A 37 16.14 23.13 -19.92
C LEU A 37 17.25 23.94 -20.58
N ALA A 38 18.51 23.55 -20.37
CA ALA A 38 19.62 24.42 -20.73
C ALA A 38 20.80 23.61 -21.24
N ASN A 39 21.71 24.34 -21.88
CA ASN A 39 23.01 23.81 -22.32
C ASN A 39 22.85 22.62 -23.25
N GLY A 40 21.92 22.74 -24.21
CA GLY A 40 21.81 21.80 -25.30
C GLY A 40 20.64 20.83 -25.20
N VAL A 41 20.21 20.49 -23.98
CA VAL A 41 19.07 19.58 -23.85
C VAL A 41 17.86 20.24 -24.49
N GLU A 42 17.12 19.46 -25.28
CA GLU A 42 15.95 19.97 -25.97
C GLU A 42 14.75 19.11 -25.61
N LEU A 43 13.57 19.72 -25.73
CA LEU A 43 12.32 19.00 -25.54
C LEU A 43 11.58 18.99 -26.88
N ARG A 44 11.50 17.82 -27.50
CA ARG A 44 10.87 17.67 -28.80
C ARG A 44 10.10 16.36 -28.83
N ASP A 45 8.85 16.42 -29.28
CA ASP A 45 7.97 15.26 -29.34
C ASP A 45 7.81 14.63 -27.95
N ASN A 46 7.66 15.49 -26.94
CA ASN A 46 7.49 15.09 -25.54
C ASN A 46 8.67 14.30 -25.01
N GLN A 47 9.84 14.43 -25.64
CA GLN A 47 11.01 13.67 -25.26
C GLN A 47 12.18 14.62 -25.04
N LEU A 48 13.07 14.24 -24.14
CA LEU A 48 14.30 14.99 -23.90
C LEU A 48 15.38 14.49 -24.86
N VAL A 49 16.09 15.42 -25.49
CA VAL A 49 17.10 15.11 -26.49
C VAL A 49 18.47 15.38 -25.90
N VAL A 50 19.35 14.38 -25.97
CA VAL A 50 20.68 14.46 -25.37
C VAL A 50 21.62 15.22 -26.31
N PRO A 51 22.32 16.25 -25.85
CA PRO A 51 23.15 17.06 -26.76
C PRO A 51 24.57 16.54 -26.94
N SER A 52 25.04 15.74 -25.98
CA SER A 52 26.40 15.23 -26.06
C SER A 52 26.51 13.94 -25.28
N GLU A 53 27.46 13.11 -25.70
CA GLU A 53 27.75 11.85 -25.02
C GLU A 53 28.23 12.17 -23.61
N GLY A 54 27.87 11.31 -22.67
CA GLY A 54 28.34 11.49 -21.30
C GLY A 54 27.51 10.68 -20.33
N LEU A 55 27.92 10.75 -19.06
CA LEU A 55 27.17 10.12 -17.98
C LEU A 55 26.11 11.10 -17.51
N TYR A 56 24.87 10.60 -17.38
CA TYR A 56 23.74 11.43 -17.02
C TYR A 56 23.01 10.80 -15.85
N LEU A 57 22.68 11.62 -14.86
CA LEU A 57 21.66 11.24 -13.89
C LEU A 57 20.30 11.50 -14.52
N ILE A 58 19.45 10.47 -14.54
CA ILE A 58 18.10 10.58 -15.10
C ILE A 58 17.10 10.23 -13.99
N TYR A 59 16.05 11.03 -13.86
CA TYR A 59 15.10 10.77 -12.79
C TYR A 59 13.71 11.23 -13.21
N SER A 60 12.71 10.71 -12.51
CA SER A 60 11.34 11.13 -12.79
C SER A 60 10.44 10.72 -11.64
N GLN A 61 9.40 11.51 -11.41
CA GLN A 61 8.35 11.11 -10.47
C GLN A 61 6.99 11.39 -11.09
N VAL A 62 6.09 10.44 -10.96
CA VAL A 62 4.71 10.66 -11.36
C VAL A 62 3.83 10.37 -10.15
N LEU A 63 2.62 10.91 -10.19
CA LEU A 63 1.64 10.73 -9.11
C LEU A 63 0.33 10.27 -9.71
N PHE A 64 -0.21 9.20 -9.14
CA PHE A 64 -1.51 8.65 -9.50
C PHE A 64 -2.49 8.89 -8.38
N LYS A 65 -3.76 9.04 -8.75
CA LYS A 65 -4.84 9.25 -7.79
C LYS A 65 -6.10 8.58 -8.31
N GLY A 66 -6.86 7.96 -7.41
CA GLY A 66 -8.17 7.43 -7.75
C GLY A 66 -9.18 7.80 -6.68
N GLN A 67 -10.45 7.80 -7.06
CA GLN A 67 -11.53 8.12 -6.12
C GLN A 67 -11.91 6.92 -5.27
N GLY A 68 -11.45 5.74 -5.67
CA GLY A 68 -11.79 4.51 -5.00
C GLY A 68 -11.09 3.39 -5.72
N CYS A 69 -11.38 2.16 -5.30
N CYS A 69 -11.40 2.17 -5.30
CA CYS A 69 -10.78 1.01 -5.93
CA CYS A 69 -10.77 1.02 -5.94
C CYS A 69 -11.79 0.31 -6.83
C CYS A 69 -11.78 0.30 -6.82
N PRO A 70 -11.44 0.03 -8.09
CA PRO A 70 -12.41 -0.61 -8.99
C PRO A 70 -12.36 -2.12 -8.89
N SER A 71 -13.22 -2.80 -9.65
CA SER A 71 -13.25 -4.26 -9.62
C SER A 71 -12.07 -4.86 -10.39
N THR A 72 -11.66 -4.21 -11.47
CA THR A 72 -10.56 -4.73 -12.26
C THR A 72 -9.24 -4.41 -11.59
N HIS A 73 -8.21 -5.16 -11.95
CA HIS A 73 -6.92 -4.98 -11.31
C HIS A 73 -6.23 -3.76 -11.88
N VAL A 74 -5.65 -2.95 -11.01
CA VAL A 74 -5.03 -1.68 -11.38
C VAL A 74 -3.55 -1.84 -11.14
N LEU A 75 -2.79 -1.92 -12.22
CA LEU A 75 -1.34 -1.95 -12.15
C LEU A 75 -0.83 -0.65 -12.74
N LEU A 76 -0.09 0.11 -11.93
CA LEU A 76 0.44 1.42 -12.30
C LEU A 76 1.92 1.28 -12.63
N THR A 77 2.31 1.72 -13.82
CA THR A 77 3.71 1.64 -14.21
C THR A 77 4.22 3.02 -14.61
N HIS A 78 5.52 3.22 -14.39
CA HIS A 78 6.21 4.42 -14.84
C HIS A 78 7.54 3.96 -15.43
N THR A 79 7.85 4.41 -16.64
CA THR A 79 9.01 3.90 -17.35
C THR A 79 9.77 5.07 -17.97
N ILE A 80 11.08 5.05 -17.81
CA ILE A 80 11.99 5.93 -18.54
C ILE A 80 12.70 5.08 -19.57
N SER A 81 12.62 5.49 -20.84
CA SER A 81 13.19 4.69 -21.92
C SER A 81 14.11 5.54 -22.78
N ARG A 82 15.00 4.85 -23.50
CA ARG A 82 16.02 5.46 -24.34
C ARG A 82 15.79 5.06 -25.79
N ILE A 83 15.79 6.04 -26.69
CA ILE A 83 15.72 5.83 -28.13
C ILE A 83 17.05 6.29 -28.72
N ALA A 84 17.81 5.35 -29.28
CA ALA A 84 19.11 5.68 -29.87
C ALA A 84 18.94 6.64 -31.04
N VAL A 85 19.89 7.57 -31.19
CA VAL A 85 19.78 8.63 -32.19
C VAL A 85 19.57 8.06 -33.58
N SER A 86 20.06 6.86 -33.84
CA SER A 86 20.07 6.36 -35.20
C SER A 86 18.83 5.53 -35.51
N TYR A 87 18.40 4.70 -34.56
CA TYR A 87 17.30 3.77 -34.78
C TYR A 87 16.09 4.21 -33.98
N GLN A 88 14.91 3.92 -34.50
CA GLN A 88 13.66 4.19 -33.80
C GLN A 88 13.33 3.11 -32.77
N THR A 89 14.34 2.63 -32.04
CA THR A 89 14.17 1.56 -31.06
C THR A 89 14.13 2.15 -29.66
N LYS A 90 13.15 1.71 -28.89
CA LYS A 90 12.96 2.15 -27.52
C LYS A 90 13.36 1.02 -26.57
N VAL A 91 14.30 1.29 -25.67
CA VAL A 91 14.74 0.31 -24.68
C VAL A 91 14.56 0.92 -23.30
N ASN A 92 14.03 0.12 -22.37
CA ASN A 92 13.74 0.61 -21.02
C ASN A 92 15.00 0.76 -20.18
N LEU A 93 15.18 1.95 -19.60
CA LEU A 93 16.27 2.19 -18.68
C LEU A 93 15.85 1.97 -17.23
N LEU A 94 14.71 2.55 -16.84
CA LEU A 94 14.22 2.49 -15.47
C LEU A 94 12.72 2.25 -15.51
N SER A 95 12.22 1.42 -14.60
CA SER A 95 10.78 1.15 -14.58
C SER A 95 10.40 0.63 -13.21
N ALA A 96 9.14 0.84 -12.85
CA ALA A 96 8.58 0.32 -11.60
C ALA A 96 7.08 0.14 -11.77
N ILE A 97 6.52 -0.75 -10.95
CA ILE A 97 5.11 -1.13 -11.00
C ILE A 97 4.57 -1.02 -9.58
N LYS A 98 3.35 -0.50 -9.46
CA LYS A 98 2.67 -0.44 -8.16
C LYS A 98 1.23 -0.92 -8.32
N SER A 99 0.71 -1.48 -7.22
CA SER A 99 -0.63 -2.08 -7.19
C SER A 99 -1.32 -1.48 -5.98
N PRO A 100 -2.02 -0.35 -6.15
CA PRO A 100 -2.59 0.32 -4.99
C PRO A 100 -3.85 -0.32 -4.45
N CYS A 101 -4.60 -1.05 -5.28
N CYS A 101 -4.59 -1.04 -5.28
CA CYS A 101 -5.93 -1.49 -4.91
CA CYS A 101 -5.93 -1.51 -4.95
C CYS A 101 -5.93 -3.01 -4.74
C CYS A 101 -5.90 -3.02 -4.75
N GLN A 102 -6.04 -3.44 -3.49
CA GLN A 102 -6.16 -4.84 -3.15
C GLN A 102 -7.62 -5.28 -3.07
N ARG A 103 -8.50 -4.40 -2.62
CA ARG A 103 -9.91 -4.71 -2.45
C ARG A 103 -10.77 -3.62 -3.07
N GLU A 104 -11.81 -4.05 -3.78
CA GLU A 104 -12.72 -3.13 -4.42
C GLU A 104 -13.51 -2.31 -3.40
N THR A 105 -13.71 -1.03 -3.70
CA THR A 105 -14.48 -0.16 -2.83
C THR A 105 -15.97 -0.49 -2.90
N PRO A 106 -16.63 -0.78 -1.77
CA PRO A 106 -18.08 -0.98 -1.83
C PRO A 106 -18.77 0.32 -2.22
N GLU A 107 -19.84 0.20 -2.98
CA GLU A 107 -20.57 1.36 -3.44
C GLU A 107 -21.33 2.01 -2.28
N GLY A 108 -21.45 3.34 -2.32
CA GLY A 108 -22.21 4.06 -1.32
C GLY A 108 -21.47 4.39 -0.04
N ALA A 109 -20.20 4.00 0.08
CA ALA A 109 -19.38 4.24 1.27
C ALA A 109 -18.73 5.61 1.17
N GLU A 110 -17.79 5.89 2.07
CA GLU A 110 -17.09 7.18 2.10
C GLU A 110 -16.20 7.27 0.86
N ALA A 111 -16.40 8.31 0.02
CA ALA A 111 -15.44 8.55 -1.04
C ALA A 111 -14.11 8.77 -0.32
N LYS A 112 -13.14 7.88 -0.47
CA LYS A 112 -11.87 7.98 0.24
C LYS A 112 -10.76 7.81 -0.78
N PRO A 113 -10.32 8.89 -1.40
CA PRO A 113 -9.35 8.79 -2.50
C PRO A 113 -8.02 8.19 -2.06
N TRP A 114 -7.32 7.58 -3.02
CA TRP A 114 -5.99 7.06 -2.79
C TRP A 114 -4.98 7.76 -3.69
N TYR A 115 -3.72 7.75 -3.25
CA TYR A 115 -2.62 8.37 -3.98
C TYR A 115 -1.47 7.39 -4.07
N GLU A 116 -0.76 7.44 -5.20
CA GLU A 116 0.33 6.50 -5.48
C GLU A 116 1.40 7.20 -6.32
N PRO A 117 2.48 7.67 -5.71
CA PRO A 117 3.60 8.18 -6.49
C PRO A 117 4.56 7.07 -6.89
N ILE A 118 5.26 7.28 -8.01
CA ILE A 118 6.33 6.38 -8.43
C ILE A 118 7.54 7.25 -8.75
N TYR A 119 8.67 6.93 -8.12
CA TYR A 119 9.93 7.64 -8.34
C TYR A 119 10.94 6.72 -9.01
N LEU A 120 11.66 7.26 -10.01
CA LEU A 120 12.67 6.51 -10.72
C LEU A 120 13.92 7.37 -10.81
N GLY A 121 15.09 6.74 -10.70
CA GLY A 121 16.36 7.45 -10.80
C GLY A 121 17.58 6.56 -10.95
N GLY A 122 18.51 6.92 -11.84
CA GLY A 122 19.71 6.15 -12.07
C GLY A 122 20.67 6.91 -12.96
N VAL A 123 21.88 6.37 -13.10
CA VAL A 123 22.93 7.01 -13.90
C VAL A 123 23.17 6.16 -15.15
N PHE A 124 23.18 6.80 -16.32
CA PHE A 124 23.31 6.06 -17.57
C PHE A 124 24.21 6.84 -18.52
N GLN A 125 24.98 6.10 -19.32
CA GLN A 125 25.75 6.68 -20.40
C GLN A 125 24.86 6.81 -21.62
N LEU A 126 24.70 8.04 -22.10
CA LEU A 126 23.87 8.34 -23.25
C LEU A 126 24.74 8.87 -24.38
N GLU A 127 24.22 8.82 -25.59
CA GLU A 127 24.92 9.29 -26.77
C GLU A 127 24.28 10.57 -27.30
N LYS A 128 25.06 11.34 -28.06
CA LYS A 128 24.56 12.57 -28.66
C LYS A 128 23.34 12.25 -29.54
N GLY A 129 22.23 12.95 -29.30
CA GLY A 129 21.04 12.72 -30.06
C GLY A 129 20.10 11.67 -29.51
N ASP A 130 20.47 10.98 -28.44
CA ASP A 130 19.55 10.05 -27.82
C ASP A 130 18.31 10.80 -27.37
N ARG A 131 17.17 10.13 -27.43
CA ARG A 131 15.90 10.70 -26.97
C ARG A 131 15.41 9.89 -25.79
N LEU A 132 15.07 10.58 -24.69
CA LEU A 132 14.60 9.95 -23.48
C LEU A 132 13.10 10.20 -23.30
N SER A 133 12.38 9.17 -22.93
CA SER A 133 10.94 9.26 -22.70
C SER A 133 10.62 8.82 -21.29
N ALA A 134 9.64 9.46 -20.66
CA ALA A 134 9.14 9.06 -19.34
C ALA A 134 7.63 8.91 -19.44
N GLU A 135 7.14 7.67 -19.36
CA GLU A 135 5.77 7.34 -19.76
C GLU A 135 5.08 6.50 -18.70
N ILE A 136 3.75 6.63 -18.64
CA ILE A 136 2.90 5.86 -17.75
C ILE A 136 1.92 5.03 -18.58
N ASN A 137 1.34 4.03 -17.94
CA ASN A 137 0.41 3.15 -18.63
C ASN A 137 -1.05 3.48 -18.36
N ARG A 138 -1.36 4.18 -17.26
CA ARG A 138 -2.74 4.46 -16.87
C ARG A 138 -2.94 5.96 -16.77
N PRO A 139 -3.11 6.64 -17.90
CA PRO A 139 -3.44 8.08 -17.83
C PRO A 139 -4.77 8.36 -17.15
N ASP A 140 -5.66 7.37 -17.04
CA ASP A 140 -6.93 7.59 -16.39
C ASP A 140 -6.81 7.74 -14.87
N TYR A 141 -5.63 7.46 -14.30
CA TYR A 141 -5.38 7.71 -12.88
C TYR A 141 -4.27 8.72 -12.65
N LEU A 142 -3.83 9.43 -13.69
CA LEU A 142 -2.79 10.42 -13.52
C LEU A 142 -3.30 11.63 -12.72
N ASP A 143 -2.47 12.11 -11.80
CA ASP A 143 -2.78 13.27 -10.96
C ASP A 143 -1.64 14.27 -11.06
N PHE A 144 -1.87 15.39 -11.74
CA PHE A 144 -0.87 16.44 -11.83
C PHE A 144 -1.45 17.78 -11.41
N ALA A 145 -2.41 17.76 -10.48
CA ALA A 145 -3.10 18.96 -10.08
C ALA A 145 -2.30 19.88 -9.17
N GLU A 146 -1.14 19.45 -8.66
CA GLU A 146 -0.38 20.27 -7.73
C GLU A 146 1.09 20.26 -8.12
N SER A 147 1.75 21.39 -7.89
CA SER A 147 3.14 21.57 -8.30
C SER A 147 4.08 20.73 -7.46
N GLY A 148 5.18 20.31 -8.10
CA GLY A 148 6.19 19.54 -7.42
C GLY A 148 5.93 18.05 -7.38
N GLN A 149 4.81 17.58 -7.94
CA GLN A 149 4.41 16.18 -7.86
C GLN A 149 4.83 15.36 -9.07
N VAL A 150 4.90 15.94 -10.26
CA VAL A 150 5.19 15.18 -11.49
C VAL A 150 6.31 15.88 -12.24
N TYR A 151 7.43 15.19 -12.40
CA TYR A 151 8.59 15.82 -13.03
C TYR A 151 9.46 14.75 -13.67
N PHE A 152 10.40 15.22 -14.50
CA PHE A 152 11.25 14.39 -15.34
C PHE A 152 12.48 15.22 -15.63
N GLY A 153 13.66 14.72 -15.25
CA GLY A 153 14.86 15.54 -15.39
C GLY A 153 16.09 14.73 -15.72
N ILE A 154 17.10 15.42 -16.27
CA ILE A 154 18.41 14.84 -16.52
C ILE A 154 19.46 15.89 -16.23
N ILE A 155 20.67 15.43 -15.93
CA ILE A 155 21.81 16.33 -15.82
C ILE A 155 23.10 15.55 -16.08
N ALA A 156 23.97 16.11 -16.90
CA ALA A 156 25.24 15.45 -17.20
C ALA A 156 26.17 15.60 -16.00
N LEU A 157 26.79 14.49 -15.60
CA LEU A 157 27.69 14.52 -14.45
C LEU A 157 29.15 14.45 -14.89
N PRO B 8 37.06 17.12 1.82
CA PRO B 8 37.73 16.63 0.62
C PRO B 8 37.31 17.37 -0.64
N SER B 9 36.20 16.92 -1.24
CA SER B 9 35.57 17.70 -2.30
C SER B 9 35.27 19.10 -1.81
N ASP B 10 35.22 20.05 -2.75
CA ASP B 10 34.97 21.45 -2.42
C ASP B 10 33.57 21.90 -2.85
N LYS B 11 32.72 20.97 -3.26
CA LYS B 11 31.34 21.27 -3.63
C LYS B 11 30.50 21.50 -2.38
N PRO B 12 29.65 22.53 -2.36
CA PRO B 12 28.67 22.64 -1.27
C PRO B 12 27.81 21.39 -1.18
N VAL B 13 27.75 20.81 0.01
CA VAL B 13 27.10 19.51 0.20
C VAL B 13 26.54 19.44 1.61
N ALA B 14 25.40 18.76 1.75
CA ALA B 14 24.80 18.51 3.05
C ALA B 14 24.07 17.18 3.01
N HIS B 15 24.05 16.50 4.16
CA HIS B 15 23.23 15.30 4.30
C HIS B 15 22.89 15.20 5.78
N VAL B 16 21.71 15.67 6.17
CA VAL B 16 21.31 15.68 7.56
C VAL B 16 20.29 14.58 7.79
N VAL B 17 20.21 14.12 9.03
CA VAL B 17 19.30 13.05 9.41
C VAL B 17 18.42 13.54 10.54
N ALA B 18 17.31 12.84 10.74
CA ALA B 18 16.38 13.17 11.81
C ALA B 18 17.02 12.91 13.17
N ASN B 19 16.72 13.79 14.11
CA ASN B 19 17.19 13.66 15.49
C ASN B 19 16.42 12.56 16.21
N PRO B 20 17.06 11.47 16.63
CA PRO B 20 16.33 10.39 17.32
C PRO B 20 15.82 10.75 18.70
N GLN B 21 16.27 11.85 19.31
CA GLN B 21 15.75 12.26 20.61
C GLN B 21 14.51 13.13 20.52
N ALA B 22 14.20 13.66 19.33
CA ALA B 22 13.00 14.48 19.22
C ALA B 22 11.78 13.61 19.50
N GLU B 23 10.73 14.24 20.02
CA GLU B 23 9.49 13.56 20.37
C GLU B 23 8.46 13.92 19.32
N GLY B 24 8.17 12.98 18.42
CA GLY B 24 7.16 13.17 17.40
C GLY B 24 7.34 14.44 16.61
N GLN B 25 8.56 14.68 16.14
CA GLN B 25 8.87 15.90 15.43
C GLN B 25 10.05 15.65 14.50
N LEU B 26 10.03 16.25 13.33
CA LEU B 26 11.09 16.06 12.33
C LEU B 26 12.11 17.18 12.48
N GLN B 27 13.19 16.90 13.22
CA GLN B 27 14.27 17.85 13.46
C GLN B 27 15.55 17.27 12.86
N TRP B 28 16.19 18.05 11.98
CA TRP B 28 17.37 17.58 11.26
C TRP B 28 18.64 17.85 12.06
N LEU B 29 19.60 16.92 11.99
CA LEU B 29 20.86 17.01 12.74
C LEU B 29 22.05 16.79 11.81
N ASN B 30 23.20 17.37 12.17
CA ASN B 30 24.43 17.19 11.36
C ASN B 30 25.39 16.28 12.13
N ARG B 32 26.33 14.13 13.05
CA ARG B 32 26.33 12.66 13.21
C ARG B 32 27.25 12.04 12.16
N ALA B 33 27.54 10.75 12.29
CA ALA B 33 28.42 10.04 11.38
C ALA B 33 27.65 9.63 10.12
N ASN B 34 28.38 9.53 9.00
CA ASN B 34 27.79 9.29 7.69
C ASN B 34 26.78 10.36 7.33
N ALA B 35 26.98 11.57 7.88
CA ALA B 35 26.20 12.76 7.55
C ALA B 35 27.17 13.87 7.17
N LEU B 36 26.68 14.83 6.39
CA LEU B 36 27.53 15.86 5.81
C LEU B 36 26.91 17.25 5.94
N LEU B 37 27.80 18.24 6.03
CA LEU B 37 27.46 19.65 6.04
C LEU B 37 28.74 20.46 5.89
N ALA B 38 29.14 20.75 4.65
CA ALA B 38 30.45 21.32 4.40
C ALA B 38 30.38 22.31 3.25
N ASN B 39 31.45 23.09 3.12
CA ASN B 39 31.66 23.97 1.98
C ASN B 39 30.54 24.98 1.81
N GLY B 40 30.11 25.59 2.92
CA GLY B 40 29.21 26.73 2.89
C GLY B 40 27.79 26.43 3.35
N VAL B 41 27.31 25.21 3.12
CA VAL B 41 25.95 24.87 3.55
C VAL B 41 25.86 24.93 5.07
N GLU B 42 24.79 25.55 5.56
CA GLU B 42 24.53 25.66 6.98
C GLU B 42 23.16 25.07 7.31
N LEU B 43 22.98 24.70 8.56
CA LEU B 43 21.70 24.23 9.08
C LEU B 43 21.20 25.27 10.07
N ARG B 44 20.15 25.99 9.68
CA ARG B 44 19.64 27.08 10.51
C ARG B 44 18.12 27.02 10.46
N ASP B 45 17.47 27.11 11.62
CA ASP B 45 16.01 27.10 11.72
C ASP B 45 15.42 25.85 11.07
N ASN B 46 16.09 24.71 11.27
CA ASN B 46 15.69 23.42 10.70
C ASN B 46 15.68 23.45 9.17
N GLN B 47 16.44 24.37 8.57
CA GLN B 47 16.46 24.55 7.13
C GLN B 47 17.89 24.55 6.63
N LEU B 48 18.08 24.05 5.41
CA LEU B 48 19.39 24.12 4.78
C LEU B 48 19.53 25.46 4.06
N VAL B 49 20.67 26.12 4.25
CA VAL B 49 20.94 27.44 3.68
C VAL B 49 21.98 27.28 2.58
N VAL B 50 21.66 27.78 1.40
CA VAL B 50 22.50 27.60 0.21
C VAL B 50 23.59 28.68 0.23
N PRO B 51 24.88 28.30 0.07
CA PRO B 51 25.95 29.30 0.15
C PRO B 51 26.23 30.01 -1.16
N SER B 52 25.86 29.42 -2.29
CA SER B 52 26.19 30.06 -3.55
C SER B 52 25.24 29.60 -4.63
N GLU B 53 25.05 30.46 -5.63
CA GLU B 53 24.21 30.11 -6.77
C GLU B 53 24.79 28.92 -7.53
N GLY B 54 23.92 28.06 -8.03
CA GLY B 54 24.35 26.92 -8.80
C GLY B 54 23.25 25.89 -8.94
N LEU B 55 23.59 24.81 -9.64
CA LEU B 55 22.70 23.67 -9.78
C LEU B 55 22.89 22.75 -8.59
N TYR B 56 21.79 22.31 -8.01
CA TYR B 56 21.82 21.47 -6.82
C TYR B 56 20.95 20.25 -7.03
N LEU B 57 21.48 19.09 -6.68
CA LEU B 57 20.63 17.93 -6.46
C LEU B 57 20.06 18.03 -5.04
N ILE B 58 18.75 17.98 -4.92
CA ILE B 58 18.06 18.04 -3.63
C ILE B 58 17.32 16.73 -3.47
N TYR B 59 17.43 16.12 -2.29
CA TYR B 59 16.75 14.84 -2.08
C TYR B 59 16.38 14.71 -0.61
N SER B 60 15.43 13.81 -0.35
CA SER B 60 15.01 13.56 1.03
C SER B 60 14.18 12.29 1.07
N GLN B 61 14.25 11.60 2.20
CA GLN B 61 13.38 10.47 2.46
C GLN B 61 12.85 10.56 3.89
N VAL B 62 11.56 10.30 4.05
CA VAL B 62 10.94 10.15 5.36
C VAL B 62 10.27 8.79 5.38
N LEU B 63 10.02 8.29 6.57
CA LEU B 63 9.37 7.01 6.75
C LEU B 63 8.25 7.17 7.76
N PHE B 64 7.06 6.74 7.39
CA PHE B 64 5.91 6.78 8.26
C PHE B 64 5.57 5.35 8.68
N LYS B 65 5.05 5.21 9.90
CA LYS B 65 4.68 3.90 10.43
C LYS B 65 3.48 4.07 11.34
N GLY B 66 2.54 3.13 11.24
CA GLY B 66 1.41 3.10 12.15
C GLY B 66 1.14 1.68 12.59
N GLN B 67 0.47 1.55 13.72
CA GLN B 67 0.08 0.24 14.23
C GLN B 67 -1.21 -0.26 13.62
N GLY B 68 -1.97 0.59 12.96
CA GLY B 68 -3.26 0.21 12.42
C GLY B 68 -3.84 1.39 11.69
N CYS B 69 -5.11 1.26 11.30
N CYS B 69 -5.12 1.25 11.30
CA CYS B 69 -5.78 2.29 10.52
CA CYS B 69 -5.81 2.26 10.51
C CYS B 69 -6.87 2.93 11.36
C CYS B 69 -6.88 2.93 11.38
N PRO B 70 -6.82 4.23 11.59
CA PRO B 70 -7.79 4.89 12.48
C PRO B 70 -9.10 5.20 11.74
N SER B 71 -10.05 5.77 12.48
CA SER B 71 -11.35 6.12 11.92
C SER B 71 -11.27 7.36 11.03
N THR B 72 -10.44 8.33 11.40
CA THR B 72 -10.24 9.55 10.64
C THR B 72 -9.23 9.31 9.52
N HIS B 73 -9.25 10.20 8.53
CA HIS B 73 -8.46 9.99 7.32
C HIS B 73 -6.99 10.28 7.53
N VAL B 74 -6.14 9.43 6.97
CA VAL B 74 -4.69 9.56 7.10
C VAL B 74 -4.13 9.78 5.70
N LEU B 75 -3.78 11.02 5.37
CA LEU B 75 -3.06 11.33 4.14
C LEU B 75 -1.68 11.80 4.52
N LEU B 76 -0.65 11.11 4.00
CA LEU B 76 0.74 11.39 4.34
C LEU B 76 1.38 12.17 3.21
N THR B 77 1.98 13.31 3.54
CA THR B 77 2.69 14.11 2.55
C THR B 77 4.10 14.38 3.04
N HIS B 78 5.02 14.52 2.08
CA HIS B 78 6.39 14.95 2.33
C HIS B 78 6.73 15.96 1.26
N THR B 79 7.25 17.11 1.67
CA THR B 79 7.47 18.23 0.77
C THR B 79 8.81 18.90 1.03
N ILE B 80 9.52 19.19 -0.05
CA ILE B 80 10.74 20.02 -0.04
C ILE B 80 10.37 21.36 -0.64
N SER B 81 10.61 22.44 0.08
CA SER B 81 10.20 23.75 -0.41
C SER B 81 11.38 24.72 -0.40
N ARG B 82 11.26 25.76 -1.21
CA ARG B 82 12.32 26.75 -1.38
C ARG B 82 11.82 28.10 -0.89
N ILE B 83 12.60 28.75 -0.03
CA ILE B 83 12.31 30.11 0.42
C ILE B 83 13.36 30.99 -0.21
N ALA B 84 12.93 31.83 -1.14
CA ALA B 84 13.84 32.70 -1.86
C ALA B 84 14.49 33.72 -0.91
N VAL B 85 15.79 33.92 -1.11
CA VAL B 85 16.56 34.83 -0.28
C VAL B 85 15.96 36.23 -0.32
N SER B 86 15.36 36.59 -1.44
CA SER B 86 14.97 37.97 -1.69
C SER B 86 13.53 38.26 -1.31
N TYR B 87 12.60 37.38 -1.65
CA TYR B 87 11.19 37.66 -1.45
C TYR B 87 10.58 36.86 -0.32
N GLN B 88 11.32 35.89 0.24
CA GLN B 88 10.88 35.09 1.38
C GLN B 88 9.53 34.44 1.10
N THR B 89 9.40 33.90 -0.11
CA THR B 89 8.25 33.16 -0.56
C THR B 89 8.59 31.67 -0.51
N LYS B 90 7.66 30.87 -0.02
CA LYS B 90 7.88 29.43 0.08
C LYS B 90 7.16 28.76 -1.08
N VAL B 91 7.92 28.08 -1.93
CA VAL B 91 7.41 27.41 -3.12
C VAL B 91 7.80 25.95 -3.03
N ASN B 92 6.85 25.06 -3.30
CA ASN B 92 7.15 23.64 -3.22
C ASN B 92 8.01 23.23 -4.40
N LEU B 93 9.16 22.61 -4.10
CA LEU B 93 10.00 22.09 -5.16
C LEU B 93 9.66 20.64 -5.47
N LEU B 94 9.53 19.81 -4.45
CA LEU B 94 9.25 18.39 -4.59
C LEU B 94 8.21 18.01 -3.56
N SER B 95 7.23 17.17 -3.96
CA SER B 95 6.16 16.79 -3.06
C SER B 95 5.58 15.45 -3.50
N ALA B 96 5.05 14.70 -2.52
CA ALA B 96 4.39 13.43 -2.81
C ALA B 96 3.40 13.13 -1.68
N ILE B 97 2.39 12.34 -2.02
CA ILE B 97 1.29 11.98 -1.12
C ILE B 97 1.10 10.47 -1.16
N LYS B 98 0.88 9.86 0.01
CA LYS B 98 0.57 8.45 0.10
C LYS B 98 -0.59 8.22 1.05
N SER B 99 -1.36 7.16 0.80
CA SER B 99 -2.57 6.86 1.54
C SER B 99 -2.59 5.40 1.96
N PRO B 100 -2.05 5.08 3.14
CA PRO B 100 -1.90 3.66 3.53
C PRO B 100 -3.15 2.99 4.06
N CYS B 101 -4.24 3.71 4.31
N CYS B 101 -4.23 3.71 4.32
CA CYS B 101 -5.38 3.15 5.02
CA CYS B 101 -5.38 3.18 5.05
C CYS B 101 -6.64 3.36 4.22
C CYS B 101 -6.64 3.37 4.22
N GLN B 102 -7.16 2.28 3.64
CA GLN B 102 -8.44 2.34 2.95
C GLN B 102 -9.60 2.09 3.91
N ARG B 103 -9.43 1.20 4.88
CA ARG B 103 -10.47 0.82 5.84
C ARG B 103 -9.92 0.86 7.25
N GLU B 104 -10.73 1.34 8.18
CA GLU B 104 -10.36 1.38 9.58
C GLU B 104 -10.16 -0.04 10.09
N THR B 105 -9.19 -0.22 11.00
CA THR B 105 -8.96 -1.56 11.55
C THR B 105 -10.15 -1.97 12.40
N PRO B 106 -10.76 -3.12 12.13
CA PRO B 106 -11.89 -3.56 12.95
C PRO B 106 -11.48 -3.79 14.39
N GLU B 107 -12.43 -3.54 15.29
CA GLU B 107 -12.16 -3.68 16.70
C GLU B 107 -11.83 -5.12 17.04
N GLY B 108 -10.96 -5.31 18.02
CA GLY B 108 -10.61 -6.63 18.46
C GLY B 108 -9.57 -7.33 17.60
N ALA B 109 -9.11 -6.69 16.54
CA ALA B 109 -8.09 -7.29 15.69
C ALA B 109 -6.70 -6.93 16.21
N GLU B 110 -5.73 -7.79 15.91
CA GLU B 110 -4.36 -7.55 16.32
C GLU B 110 -3.72 -6.45 15.50
N ALA B 111 -2.99 -5.58 16.20
CA ALA B 111 -2.16 -4.56 15.56
C ALA B 111 -1.27 -5.19 14.49
N LYS B 112 -1.40 -4.69 13.27
CA LYS B 112 -0.65 -5.14 12.10
C LYS B 112 0.00 -3.90 11.53
N PRO B 113 1.22 -3.57 11.95
CA PRO B 113 1.80 -2.28 11.58
C PRO B 113 1.96 -2.13 10.07
N TRP B 114 1.86 -0.89 9.61
CA TRP B 114 2.09 -0.54 8.22
C TRP B 114 3.25 0.45 8.14
N TYR B 115 3.89 0.47 6.98
CA TYR B 115 5.02 1.35 6.73
C TYR B 115 4.82 2.09 5.43
N GLU B 116 5.26 3.34 5.40
CA GLU B 116 5.09 4.20 4.24
C GLU B 116 6.29 5.12 4.13
N PRO B 117 7.28 4.76 3.30
CA PRO B 117 8.36 5.71 3.00
C PRO B 117 7.98 6.61 1.84
N ILE B 118 8.53 7.82 1.85
CA ILE B 118 8.36 8.75 0.74
C ILE B 118 9.74 9.27 0.37
N TYR B 119 10.15 9.06 -0.87
CA TYR B 119 11.42 9.54 -1.38
C TYR B 119 11.19 10.64 -2.42
N LEU B 120 11.98 11.71 -2.32
CA LEU B 120 11.91 12.84 -3.24
C LEU B 120 13.32 13.20 -3.70
N GLY B 121 13.47 13.58 -4.96
CA GLY B 121 14.76 13.98 -5.47
C GLY B 121 14.68 14.71 -6.80
N GLY B 122 15.43 15.79 -6.95
CA GLY B 122 15.41 16.58 -8.18
C GLY B 122 16.56 17.56 -8.23
N VAL B 123 16.73 18.17 -9.41
CA VAL B 123 17.81 19.13 -9.66
C VAL B 123 17.22 20.52 -9.84
N PHE B 124 17.77 21.49 -9.13
CA PHE B 124 17.22 22.84 -9.15
C PHE B 124 18.31 23.90 -9.12
N GLN B 125 18.02 25.00 -9.80
CA GLN B 125 18.84 26.20 -9.72
C GLN B 125 18.47 26.97 -8.46
N LEU B 126 19.43 27.15 -7.57
CA LEU B 126 19.19 27.87 -6.34
C LEU B 126 20.07 29.12 -6.30
N GLU B 127 19.66 30.10 -5.51
CA GLU B 127 20.40 31.34 -5.36
C GLU B 127 21.04 31.40 -3.97
N LYS B 128 22.11 32.19 -3.86
CA LYS B 128 22.79 32.34 -2.59
C LYS B 128 21.84 32.89 -1.54
N GLY B 129 21.78 32.24 -0.38
CA GLY B 129 20.86 32.64 0.65
C GLY B 129 19.51 31.94 0.60
N ASP B 130 19.27 31.11 -0.41
CA ASP B 130 18.05 30.31 -0.42
C ASP B 130 18.05 29.35 0.76
N ARG B 131 16.87 29.13 1.32
CA ARG B 131 16.67 28.21 2.43
C ARG B 131 15.75 27.09 1.96
N LEU B 132 16.18 25.86 2.18
CA LEU B 132 15.40 24.69 1.81
C LEU B 132 14.83 24.04 3.06
N SER B 133 13.58 23.63 2.98
CA SER B 133 12.89 22.96 4.06
C SER B 133 12.40 21.59 3.60
N ALA B 134 12.43 20.61 4.49
CA ALA B 134 11.91 19.27 4.21
C ALA B 134 10.92 18.93 5.30
N GLU B 135 9.62 18.90 4.95
CA GLU B 135 8.56 18.88 5.95
C GLU B 135 7.51 17.82 5.63
N ILE B 136 6.91 17.29 6.69
CA ILE B 136 5.82 16.31 6.61
C ILE B 136 4.61 16.92 7.31
N ASN B 137 3.44 16.33 7.05
CA ASN B 137 2.20 16.84 7.59
C ASN B 137 1.69 16.07 8.80
N ARG B 138 2.10 14.81 8.99
CA ARG B 138 1.61 13.95 10.07
C ARG B 138 2.78 13.46 10.92
N PRO B 139 3.29 14.28 11.85
CA PRO B 139 4.36 13.81 12.74
C PRO B 139 3.96 12.66 13.64
N ASP B 140 2.65 12.44 13.86
CA ASP B 140 2.24 11.36 14.75
C ASP B 140 2.46 9.98 14.14
N TYR B 141 2.80 9.90 12.85
CA TYR B 141 3.12 8.63 12.21
C TYR B 141 4.56 8.60 11.71
N LEU B 142 5.37 9.58 12.06
CA LEU B 142 6.77 9.59 11.65
C LEU B 142 7.55 8.49 12.36
N ASP B 143 8.41 7.81 11.60
CA ASP B 143 9.22 6.71 12.13
C ASP B 143 10.69 6.96 11.82
N PHE B 144 11.50 7.27 12.84
CA PHE B 144 12.94 7.43 12.65
C PHE B 144 13.73 6.57 13.61
N ALA B 145 13.19 5.39 13.96
CA ALA B 145 13.80 4.56 14.99
C ALA B 145 15.07 3.85 14.52
N GLU B 146 15.38 3.84 13.23
CA GLU B 146 16.54 3.14 12.71
C GLU B 146 17.30 4.02 11.73
N SER B 147 18.62 3.81 11.67
CA SER B 147 19.47 4.66 10.84
C SER B 147 19.23 4.41 9.35
N GLY B 148 19.43 5.45 8.57
CA GLY B 148 19.26 5.38 7.14
C GLY B 148 17.85 5.58 6.63
N GLN B 149 16.87 5.81 7.53
CA GLN B 149 15.46 5.87 7.14
C GLN B 149 14.95 7.28 6.86
N VAL B 150 15.48 8.30 7.54
CA VAL B 150 15.00 9.68 7.40
C VAL B 150 16.20 10.58 7.17
N TYR B 151 16.26 11.23 6.01
CA TYR B 151 17.41 12.05 5.67
C TYR B 151 17.01 13.14 4.68
N PHE B 152 17.90 14.11 4.52
CA PHE B 152 17.63 15.31 3.74
C PHE B 152 19.00 15.84 3.31
N GLY B 153 19.22 15.98 2.00
CA GLY B 153 20.54 16.38 1.53
C GLY B 153 20.50 17.26 0.30
N ILE B 154 21.61 17.96 0.07
CA ILE B 154 21.84 18.68 -1.18
C ILE B 154 23.30 18.56 -1.54
N ILE B 155 23.59 18.74 -2.83
CA ILE B 155 24.97 18.84 -3.29
C ILE B 155 24.98 19.63 -4.58
N ALA B 156 25.91 20.59 -4.67
CA ALA B 156 26.01 21.43 -5.85
C ALA B 156 26.64 20.65 -7.01
N LEU B 157 26.04 20.77 -8.18
CA LEU B 157 26.52 20.06 -9.35
C LEU B 157 27.25 20.97 -10.35
N SER C 9 34.10 9.72 -19.95
CA SER C 9 34.12 10.28 -18.61
C SER C 9 35.19 9.60 -17.74
N ASP C 10 35.70 10.34 -16.75
CA ASP C 10 36.75 9.84 -15.87
C ASP C 10 36.26 9.60 -14.44
N LYS C 11 34.97 9.77 -14.16
CA LYS C 11 34.48 9.59 -12.80
C LYS C 11 34.33 8.10 -12.46
N PRO C 12 34.74 7.69 -11.26
CA PRO C 12 34.37 6.36 -10.78
C PRO C 12 32.85 6.22 -10.76
N VAL C 13 32.35 5.17 -11.42
CA VAL C 13 30.92 5.01 -11.62
C VAL C 13 30.61 3.53 -11.73
N ALA C 14 29.44 3.15 -11.22
CA ALA C 14 28.96 1.79 -11.38
C ALA C 14 27.44 1.84 -11.44
N HIS C 15 26.87 0.92 -12.22
CA HIS C 15 25.41 0.74 -12.25
C HIS C 15 25.16 -0.72 -12.64
N VAL C 16 24.92 -1.56 -11.64
CA VAL C 16 24.74 -3.00 -11.85
C VAL C 16 23.27 -3.35 -11.69
N VAL C 17 22.86 -4.45 -12.33
CA VAL C 17 21.48 -4.88 -12.30
C VAL C 17 21.41 -6.32 -11.79
N ALA C 18 20.22 -6.72 -11.35
CA ALA C 18 20.01 -8.08 -10.87
C ALA C 18 20.15 -9.10 -12.00
N ASN C 19 20.74 -10.25 -11.68
CA ASN C 19 20.87 -11.32 -12.66
C ASN C 19 19.53 -12.01 -12.88
N PRO C 20 18.93 -11.87 -14.07
CA PRO C 20 17.62 -12.52 -14.31
C PRO C 20 17.70 -14.03 -14.35
N GLN C 21 18.89 -14.60 -14.38
CA GLN C 21 19.08 -16.05 -14.41
C GLN C 21 19.22 -16.64 -13.01
N ALA C 22 19.44 -15.83 -11.98
CA ALA C 22 19.51 -16.32 -10.62
C ALA C 22 18.15 -16.87 -10.20
N GLU C 23 18.16 -17.78 -9.24
CA GLU C 23 16.94 -18.38 -8.72
C GLU C 23 16.67 -17.76 -7.34
N GLY C 24 15.70 -16.84 -7.29
CA GLY C 24 15.27 -16.22 -6.05
C GLY C 24 16.39 -15.68 -5.19
N GLN C 25 17.29 -14.90 -5.78
CA GLN C 25 18.47 -14.40 -5.08
C GLN C 25 18.89 -13.09 -5.73
N LEU C 26 19.34 -12.14 -4.91
CA LEU C 26 19.73 -10.82 -5.40
C LEU C 26 21.22 -10.86 -5.68
N GLN C 27 21.58 -11.10 -6.93
CA GLN C 27 22.96 -11.18 -7.39
C GLN C 27 23.19 -10.11 -8.45
N TRP C 28 24.20 -9.25 -8.24
CA TRP C 28 24.42 -8.12 -9.11
C TRP C 28 25.29 -8.51 -10.31
N LEU C 29 24.99 -7.89 -11.46
CA LEU C 29 25.65 -8.18 -12.73
C LEU C 29 26.16 -6.90 -13.38
N ASN C 30 27.22 -7.06 -14.17
CA ASN C 30 27.86 -6.00 -14.91
C ASN C 30 27.17 -5.88 -16.28
N ARG C 31 27.83 -5.26 -17.27
CA ARG C 31 27.22 -4.87 -18.54
C ARG C 31 26.32 -5.94 -19.16
N ALA C 33 24.37 -4.12 -21.31
CA ALA C 33 24.09 -2.83 -21.94
C ALA C 33 23.28 -1.95 -21.00
N ASN C 34 23.49 -0.63 -21.12
CA ASN C 34 22.89 0.36 -20.21
C ASN C 34 23.24 0.07 -18.75
N ALA C 35 24.40 -0.54 -18.53
CA ALA C 35 24.98 -0.79 -17.22
C ALA C 35 26.41 -0.26 -17.21
N LEU C 36 26.92 0.04 -16.01
CA LEU C 36 28.22 0.69 -15.90
C LEU C 36 29.05 0.05 -14.79
N LEU C 37 30.38 0.08 -14.99
CA LEU C 37 31.37 -0.31 -14.00
C LEU C 37 32.75 0.10 -14.49
N ALA C 38 33.16 1.32 -14.20
CA ALA C 38 34.34 1.89 -14.84
C ALA C 38 35.11 2.76 -13.87
N ASN C 39 36.34 3.08 -14.26
CA ASN C 39 37.19 4.04 -13.57
C ASN C 39 37.47 3.63 -12.13
N GLY C 40 37.74 2.33 -11.92
CA GLY C 40 38.25 1.82 -10.66
C GLY C 40 37.25 1.00 -9.84
N VAL C 41 35.96 1.32 -9.93
CA VAL C 41 34.98 0.58 -9.14
C VAL C 41 34.97 -0.89 -9.52
N GLU C 42 34.91 -1.75 -8.50
CA GLU C 42 34.91 -3.18 -8.70
C GLU C 42 33.65 -3.79 -8.08
N LEU C 43 33.29 -4.97 -8.58
CA LEU C 43 32.19 -5.76 -8.05
C LEU C 43 32.79 -7.04 -7.47
N ARG C 44 32.79 -7.16 -6.15
CA ARG C 44 33.44 -8.27 -5.46
C ARG C 44 32.57 -8.72 -4.30
N ASP C 45 32.33 -10.04 -4.21
CA ASP C 45 31.53 -10.61 -3.13
C ASP C 45 30.15 -9.98 -3.07
N ASN C 46 29.55 -9.76 -4.23
CA ASN C 46 28.24 -9.12 -4.38
C ASN C 46 28.23 -7.70 -3.83
N GLN C 47 29.40 -7.08 -3.71
CA GLN C 47 29.52 -5.75 -3.14
C GLN C 47 30.33 -4.84 -4.06
N LEU C 48 29.97 -3.55 -4.06
CA LEU C 48 30.70 -2.55 -4.82
C LEU C 48 31.86 -2.02 -3.99
N VAL C 49 33.04 -1.94 -4.61
CA VAL C 49 34.27 -1.55 -3.91
C VAL C 49 34.67 -0.15 -4.36
N VAL C 50 34.89 0.73 -3.39
CA VAL C 50 35.21 2.14 -3.66
C VAL C 50 36.70 2.24 -3.98
N PRO C 51 37.09 2.86 -5.09
CA PRO C 51 38.51 2.90 -5.45
C PRO C 51 39.27 4.07 -4.85
N SER C 52 38.57 5.14 -4.48
CA SER C 52 39.24 6.32 -3.97
C SER C 52 38.28 7.13 -3.12
N GLU C 53 38.84 7.91 -2.20
CA GLU C 53 38.05 8.79 -1.34
C GLU C 53 37.31 9.85 -2.16
N GLY C 54 36.11 10.20 -1.71
CA GLY C 54 35.36 11.25 -2.37
C GLY C 54 33.91 11.19 -1.97
N LEU C 55 33.15 12.14 -2.52
CA LEU C 55 31.70 12.16 -2.37
C LEU C 55 31.07 11.33 -3.49
N TYR C 56 30.12 10.48 -3.11
CA TYR C 56 29.49 9.56 -4.04
C TYR C 56 27.97 9.68 -3.93
N LEU C 57 27.29 9.73 -5.06
CA LEU C 57 25.86 9.45 -5.09
C LEU C 57 25.69 7.93 -5.10
N ILE C 58 24.92 7.40 -4.16
CA ILE C 58 24.63 5.98 -4.08
C ILE C 58 23.12 5.78 -4.19
N TYR C 59 22.70 4.82 -5.03
CA TYR C 59 21.28 4.61 -5.23
C TYR C 59 21.02 3.14 -5.55
N SER C 60 19.77 2.73 -5.37
CA SER C 60 19.39 1.35 -5.65
C SER C 60 17.87 1.25 -5.72
N GLN C 61 17.39 0.33 -6.56
CA GLN C 61 15.98 -0.02 -6.60
C GLN C 61 15.81 -1.52 -6.67
N VAL C 62 14.86 -2.03 -5.88
CA VAL C 62 14.44 -3.42 -5.93
C VAL C 62 12.94 -3.48 -6.13
N LEU C 63 12.47 -4.60 -6.67
CA LEU C 63 11.05 -4.81 -6.94
C LEU C 63 10.61 -6.13 -6.35
N PHE C 64 9.51 -6.11 -5.59
CA PHE C 64 8.90 -7.27 -4.99
C PHE C 64 7.56 -7.57 -5.67
N LYS C 65 7.20 -8.84 -5.72
CA LYS C 65 5.94 -9.26 -6.32
C LYS C 65 5.41 -10.46 -5.55
N GLY C 66 4.10 -10.48 -5.32
CA GLY C 66 3.47 -11.65 -4.74
C GLY C 66 2.18 -11.95 -5.47
N GLN C 67 1.75 -13.21 -5.38
CA GLN C 67 0.48 -13.62 -5.98
C GLN C 67 -0.70 -13.34 -5.10
N GLY C 68 -0.46 -13.05 -3.83
CA GLY C 68 -1.53 -12.83 -2.87
C GLY C 68 -0.90 -12.54 -1.54
N CYS C 69 -1.74 -12.42 -0.53
CA CYS C 69 -1.24 -12.06 0.79
C CYS C 69 -1.24 -13.29 1.69
N PRO C 70 -0.11 -13.63 2.34
CA PRO C 70 -0.07 -14.85 3.16
C PRO C 70 -0.61 -14.63 4.56
N SER C 71 -0.64 -15.70 5.35
CA SER C 71 -1.11 -15.65 6.72
C SER C 71 -0.10 -14.94 7.62
N THR C 72 1.18 -15.08 7.31
CA THR C 72 2.19 -14.37 8.06
C THR C 72 2.30 -12.95 7.52
N HIS C 73 2.70 -12.04 8.39
CA HIS C 73 2.77 -10.64 8.06
C HIS C 73 4.10 -10.38 7.34
N VAL C 74 4.04 -9.64 6.23
CA VAL C 74 5.14 -9.49 5.29
C VAL C 74 5.68 -8.07 5.33
N LEU C 75 6.89 -7.91 5.85
CA LEU C 75 7.60 -6.64 5.85
C LEU C 75 8.77 -6.72 4.87
N LEU C 76 8.77 -5.84 3.87
CA LEU C 76 9.79 -5.81 2.82
C LEU C 76 10.78 -4.71 3.14
N THR C 77 12.06 -5.05 3.21
CA THR C 77 13.08 -4.05 3.47
C THR C 77 14.12 -4.08 2.36
N HIS C 78 14.70 -2.92 2.11
CA HIS C 78 15.82 -2.78 1.20
C HIS C 78 16.82 -1.86 1.87
N THR C 79 18.08 -2.27 1.95
CA THR C 79 19.07 -1.54 2.72
C THR C 79 20.36 -1.46 1.95
N ILE C 80 20.96 -0.27 1.90
CA ILE C 80 22.31 -0.06 1.40
C ILE C 80 23.20 0.19 2.60
N SER C 81 24.28 -0.58 2.72
CA SER C 81 25.12 -0.47 3.90
C SER C 81 26.58 -0.28 3.49
N ARG C 82 27.36 0.25 4.43
CA ARG C 82 28.77 0.55 4.22
C ARG C 82 29.60 -0.33 5.13
N ILE C 83 30.58 -1.02 4.55
CA ILE C 83 31.53 -1.84 5.29
C ILE C 83 32.90 -1.19 5.17
N ALA C 84 33.43 -0.68 6.27
CA ALA C 84 34.74 -0.04 6.24
C ALA C 84 35.82 -1.06 5.85
N VAL C 85 36.75 -0.63 5.01
CA VAL C 85 37.78 -1.53 4.50
C VAL C 85 38.59 -2.16 5.62
N SER C 86 38.81 -1.41 6.69
CA SER C 86 39.70 -1.75 7.77
C SER C 86 39.02 -2.21 9.06
N TYR C 87 37.86 -1.64 9.39
CA TYR C 87 37.28 -1.79 10.72
C TYR C 87 36.20 -2.85 10.81
N GLN C 88 35.89 -3.55 9.71
CA GLN C 88 34.94 -4.66 9.71
C GLN C 88 33.64 -4.30 10.44
N THR C 89 33.20 -3.07 10.28
CA THR C 89 31.92 -2.61 10.82
C THR C 89 30.95 -2.40 9.65
N LYS C 90 29.74 -2.93 9.79
CA LYS C 90 28.69 -2.72 8.79
C LYS C 90 27.67 -1.73 9.34
N VAL C 91 27.51 -0.60 8.65
CA VAL C 91 26.61 0.46 9.07
C VAL C 91 25.61 0.71 7.95
N ASN C 92 24.34 0.85 8.32
CA ASN C 92 23.31 1.14 7.32
C ASN C 92 23.38 2.60 6.89
N LEU C 93 23.50 2.82 5.59
CA LEU C 93 23.49 4.17 5.02
C LEU C 93 22.08 4.58 4.59
N LEU C 94 21.38 3.70 3.89
CA LEU C 94 20.04 3.97 3.36
C LEU C 94 19.19 2.74 3.59
N SER C 95 17.95 2.94 4.01
CA SER C 95 17.07 1.83 4.29
C SER C 95 15.63 2.28 4.19
N ALA C 96 14.76 1.35 3.82
CA ALA C 96 13.32 1.62 3.77
C ALA C 96 12.57 0.32 3.92
N ILE C 97 11.33 0.42 4.42
CA ILE C 97 10.48 -0.72 4.71
C ILE C 97 9.11 -0.49 4.08
N LYS C 98 8.53 -1.53 3.51
CA LYS C 98 7.18 -1.45 2.97
C LYS C 98 6.37 -2.66 3.43
N SER C 99 5.06 -2.46 3.50
CA SER C 99 4.12 -3.46 4.01
C SER C 99 2.98 -3.62 3.03
N PRO C 100 3.10 -4.53 2.06
CA PRO C 100 2.08 -4.61 1.01
C PRO C 100 0.78 -5.28 1.42
N CYS C 101 0.76 -6.05 2.51
CA CYS C 101 -0.36 -6.93 2.82
C CYS C 101 -0.96 -6.61 4.18
N GLN C 102 -2.20 -6.11 4.18
CA GLN C 102 -2.92 -5.84 5.41
C GLN C 102 -3.73 -7.05 5.87
N ARG C 103 -4.33 -7.79 4.95
CA ARG C 103 -5.15 -8.95 5.27
C ARG C 103 -4.80 -10.11 4.35
N GLU C 104 -4.79 -11.31 4.91
CA GLU C 104 -4.51 -12.51 4.13
C GLU C 104 -5.58 -12.73 3.07
N THR C 105 -5.14 -13.16 1.88
CA THR C 105 -6.06 -13.40 0.76
C THR C 105 -6.90 -14.65 0.99
N PRO C 106 -8.22 -14.56 0.96
CA PRO C 106 -9.05 -15.77 1.11
C PRO C 106 -8.83 -16.70 -0.08
N GLU C 107 -8.92 -17.99 0.21
CA GLU C 107 -8.75 -19.00 -0.83
C GLU C 107 -9.92 -18.98 -1.82
N GLY C 108 -9.63 -19.44 -3.04
CA GLY C 108 -10.61 -19.62 -4.10
C GLY C 108 -10.93 -18.41 -4.94
N ALA C 109 -10.29 -17.27 -4.68
CA ALA C 109 -10.53 -16.07 -5.46
C ALA C 109 -9.58 -16.02 -6.65
N GLU C 110 -9.81 -15.06 -7.53
CA GLU C 110 -8.96 -14.85 -8.68
C GLU C 110 -7.65 -14.22 -8.20
N ALA C 111 -6.52 -14.79 -8.65
CA ALA C 111 -5.19 -14.26 -8.38
C ALA C 111 -5.10 -12.78 -8.70
N LYS C 112 -4.77 -11.99 -7.68
CA LYS C 112 -4.63 -10.53 -7.80
C LYS C 112 -3.25 -10.16 -7.28
N PRO C 113 -2.23 -10.26 -8.13
CA PRO C 113 -0.86 -10.05 -7.65
C PRO C 113 -0.62 -8.62 -7.17
N TRP C 114 0.33 -8.47 -6.27
CA TRP C 114 0.74 -7.15 -5.81
C TRP C 114 2.19 -6.92 -6.20
N TYR C 115 2.56 -5.64 -6.35
CA TYR C 115 3.91 -5.23 -6.71
C TYR C 115 4.36 -4.13 -5.76
N GLU C 116 5.63 -4.15 -5.39
CA GLU C 116 6.16 -3.20 -4.40
C GLU C 116 7.62 -2.87 -4.73
N PRO C 117 7.87 -1.72 -5.35
CA PRO C 117 9.26 -1.28 -5.54
C PRO C 117 9.76 -0.49 -4.34
N ILE C 118 11.08 -0.53 -4.15
CA ILE C 118 11.72 0.30 -3.13
C ILE C 118 12.90 1.01 -3.77
N TYR C 119 12.92 2.34 -3.65
CA TYR C 119 14.01 3.15 -4.17
C TYR C 119 14.78 3.78 -3.02
N LEU C 120 16.11 3.79 -3.13
CA LEU C 120 17.00 4.40 -2.15
C LEU C 120 18.02 5.27 -2.86
N GLY C 121 18.38 6.40 -2.26
CA GLY C 121 19.37 7.28 -2.86
C GLY C 121 19.89 8.35 -1.90
N GLY C 122 21.20 8.59 -1.92
CA GLY C 122 21.78 9.59 -1.06
C GLY C 122 23.22 9.82 -1.44
N VAL C 123 23.80 10.87 -0.84
CA VAL C 123 25.19 11.26 -1.09
C VAL C 123 25.99 11.00 0.17
N PHE C 124 27.14 10.34 0.02
CA PHE C 124 27.96 9.96 1.16
C PHE C 124 29.43 10.10 0.83
N GLN C 125 30.22 10.48 1.83
CA GLN C 125 31.67 10.46 1.71
C GLN C 125 32.18 9.06 2.00
N LEU C 126 32.85 8.46 1.03
CA LEU C 126 33.38 7.12 1.17
C LEU C 126 34.91 7.16 1.10
N GLU C 127 35.52 6.12 1.65
CA GLU C 127 36.97 5.96 1.66
C GLU C 127 37.39 4.86 0.70
N LYS C 128 38.65 4.93 0.30
CA LYS C 128 39.23 3.91 -0.58
C LYS C 128 39.15 2.53 0.09
N GLY C 129 38.63 1.56 -0.67
CA GLY C 129 38.47 0.21 -0.16
C GLY C 129 37.16 -0.08 0.51
N ASP C 130 36.29 0.92 0.66
CA ASP C 130 34.98 0.70 1.24
C ASP C 130 34.18 -0.27 0.37
N ARG C 131 33.36 -1.08 1.02
CA ARG C 131 32.48 -2.02 0.34
C ARG C 131 31.04 -1.64 0.63
N LEU C 132 30.25 -1.49 -0.44
CA LEU C 132 28.84 -1.16 -0.34
C LEU C 132 28.00 -2.39 -0.70
N SER C 133 26.98 -2.65 0.09
CA SER C 133 26.08 -3.77 -0.17
C SER C 133 24.65 -3.24 -0.31
N ALA C 134 23.88 -3.90 -1.16
CA ALA C 134 22.47 -3.56 -1.35
C ALA C 134 21.68 -4.84 -1.14
N GLU C 135 20.96 -4.93 -0.03
CA GLU C 135 20.42 -6.21 0.40
C GLU C 135 18.94 -6.08 0.74
N ILE C 136 18.22 -7.19 0.52
CA ILE C 136 16.81 -7.32 0.84
C ILE C 136 16.64 -8.44 1.84
N ASN C 137 15.48 -8.45 2.50
CA ASN C 137 15.20 -9.46 3.51
C ASN C 137 14.29 -10.58 3.02
N ARG C 138 13.52 -10.38 1.94
CA ARG C 138 12.55 -11.40 1.49
C ARG C 138 12.84 -11.78 0.03
N PRO C 139 13.84 -12.63 -0.21
CA PRO C 139 14.07 -13.10 -1.58
C PRO C 139 12.91 -13.92 -2.13
N ASP C 140 12.04 -14.46 -1.29
CA ASP C 140 10.92 -15.24 -1.79
C ASP C 140 9.87 -14.36 -2.48
N TYR C 141 9.98 -13.02 -2.36
CA TYR C 141 9.10 -12.12 -3.10
C TYR C 141 9.87 -11.24 -4.08
N LEU C 142 11.14 -11.53 -4.32
CA LEU C 142 11.91 -10.73 -5.27
C LEU C 142 11.36 -10.91 -6.69
N ASP C 143 11.27 -9.81 -7.43
CA ASP C 143 10.82 -9.82 -8.82
C ASP C 143 11.86 -9.11 -9.69
N PHE C 144 12.59 -9.87 -10.48
CA PHE C 144 13.54 -9.24 -11.39
C PHE C 144 13.32 -9.71 -12.82
N ALA C 145 12.07 -10.00 -13.17
CA ALA C 145 11.76 -10.56 -14.46
C ALA C 145 11.84 -9.56 -15.60
N GLU C 146 11.96 -8.27 -15.29
CA GLU C 146 11.98 -7.26 -16.35
C GLU C 146 13.10 -6.27 -16.13
N SER C 147 13.65 -5.79 -17.25
CA SER C 147 14.77 -4.88 -17.23
C SER C 147 14.36 -3.49 -16.73
N GLY C 148 15.28 -2.82 -16.08
CA GLY C 148 15.03 -1.51 -15.53
C GLY C 148 14.40 -1.49 -14.16
N GLN C 149 14.10 -2.67 -13.60
CA GLN C 149 13.38 -2.75 -12.33
C GLN C 149 14.27 -2.93 -11.10
N VAL C 150 15.44 -3.57 -11.22
CA VAL C 150 16.30 -3.86 -10.07
C VAL C 150 17.72 -3.43 -10.42
N TYR C 151 18.27 -2.47 -9.67
CA TYR C 151 19.58 -1.95 -10.01
C TYR C 151 20.27 -1.38 -8.76
N PHE C 152 21.56 -1.12 -8.89
CA PHE C 152 22.39 -0.69 -7.77
C PHE C 152 23.57 0.07 -8.36
N GLY C 153 23.72 1.34 -7.99
CA GLY C 153 24.73 2.17 -8.64
C GLY C 153 25.35 3.19 -7.73
N ILE C 154 26.54 3.66 -8.12
CA ILE C 154 27.24 4.75 -7.46
C ILE C 154 27.96 5.58 -8.52
N ILE C 155 28.25 6.83 -8.16
CA ILE C 155 29.03 7.72 -9.02
C ILE C 155 29.70 8.77 -8.14
N ALA C 156 30.99 9.00 -8.39
CA ALA C 156 31.71 10.01 -7.63
C ALA C 156 31.31 11.40 -8.11
N LEU C 157 31.05 12.29 -7.16
CA LEU C 157 30.67 13.65 -7.49
C LEU C 157 31.82 14.63 -7.27
N ALA D 1 -20.63 1.33 -25.28
CA ALA D 1 -21.91 2.02 -25.33
C ALA D 1 -23.10 1.08 -25.12
N ARG D 2 -22.83 -0.19 -24.85
CA ARG D 2 -23.88 -1.16 -24.55
C ARG D 2 -23.31 -2.34 -23.79
N VAL D 3 -24.07 -2.82 -22.81
CA VAL D 3 -23.73 -4.05 -22.07
C VAL D 3 -24.72 -5.14 -22.46
N ASP D 4 -24.21 -6.21 -23.07
CA ASP D 4 -25.02 -7.37 -23.44
C ASP D 4 -24.98 -8.36 -22.27
N GLN D 5 -26.09 -8.49 -21.56
CA GLN D 5 -26.21 -9.41 -20.43
C GLN D 5 -26.97 -10.66 -20.89
N THR D 6 -26.36 -11.83 -20.69
CA THR D 6 -26.94 -13.11 -21.10
C THR D 6 -26.75 -14.13 -19.98
N PRO D 7 -27.64 -15.13 -19.89
CA PRO D 7 -28.86 -15.34 -20.68
C PRO D 7 -29.97 -14.45 -20.16
N GLN D 8 -31.11 -14.37 -20.84
CA GLN D 8 -32.19 -13.52 -20.37
C GLN D 8 -33.06 -14.21 -19.32
N THR D 9 -33.12 -15.54 -19.36
CA THR D 9 -33.90 -16.32 -18.41
C THR D 9 -33.08 -17.49 -17.92
N ILE D 10 -33.22 -17.82 -16.63
CA ILE D 10 -32.55 -18.95 -16.02
C ILE D 10 -33.55 -19.63 -15.11
N THR D 11 -33.69 -20.95 -15.25
CA THR D 11 -34.51 -21.74 -14.34
C THR D 11 -33.64 -22.85 -13.78
N LYS D 12 -33.49 -22.86 -12.46
CA LYS D 12 -32.66 -23.85 -11.78
C LYS D 12 -33.43 -24.41 -10.59
N GLU D 13 -32.84 -25.41 -9.97
CA GLU D 13 -33.37 -26.04 -8.77
C GLU D 13 -32.45 -25.79 -7.59
N THR D 14 -32.94 -26.16 -6.41
CA THR D 14 -32.22 -25.95 -5.17
C THR D 14 -30.87 -26.66 -5.20
N GLY D 15 -29.83 -25.96 -4.75
CA GLY D 15 -28.51 -26.55 -4.65
C GLY D 15 -27.68 -26.46 -5.92
N GLU D 16 -28.27 -26.10 -7.04
CA GLU D 16 -27.53 -26.00 -8.29
C GLU D 16 -26.82 -24.66 -8.36
N SER D 17 -26.18 -24.39 -9.49
CA SER D 17 -25.51 -23.11 -9.71
C SER D 17 -25.91 -22.53 -11.06
N LEU D 18 -25.70 -21.22 -11.20
CA LEU D 18 -26.00 -20.51 -12.44
C LEU D 18 -24.90 -19.53 -12.76
N THR D 19 -24.84 -19.10 -14.03
CA THR D 19 -23.85 -18.11 -14.45
C THR D 19 -24.53 -17.08 -15.34
N ILE D 20 -24.30 -15.81 -15.03
CA ILE D 20 -24.76 -14.69 -15.83
C ILE D 20 -23.53 -13.97 -16.38
N ASN D 21 -23.57 -13.59 -17.64
CA ASN D 21 -22.43 -12.99 -18.32
C ASN D 21 -22.81 -11.63 -18.88
N CYS D 22 -21.91 -10.65 -18.71
CA CYS D 22 -22.07 -9.32 -19.26
C CYS D 22 -20.83 -8.96 -20.07
N VAL D 23 -21.02 -8.40 -21.26
CA VAL D 23 -19.94 -8.02 -22.15
C VAL D 23 -20.13 -6.56 -22.55
N LEU D 24 -19.09 -5.76 -22.43
CA LEU D 24 -19.12 -4.35 -22.80
C LEU D 24 -18.84 -4.23 -24.29
N ARG D 25 -19.83 -3.79 -25.06
CA ARG D 25 -19.74 -3.72 -26.50
C ARG D 25 -19.72 -2.28 -26.98
N ASP D 26 -19.04 -2.07 -28.11
CA ASP D 26 -19.08 -0.79 -28.83
C ASP D 26 -18.64 0.37 -27.93
N SER D 27 -17.49 0.21 -27.29
CA SER D 27 -17.00 1.22 -26.36
C SER D 27 -15.49 1.37 -26.49
N ASN D 28 -15.03 2.62 -26.44
CA ASN D 28 -13.61 2.91 -26.35
C ASN D 28 -13.09 2.83 -24.93
N CYS D 29 -13.96 2.52 -23.97
CA CYS D 29 -13.60 2.30 -22.58
C CYS D 29 -13.35 0.83 -22.30
N GLY D 30 -12.49 0.54 -21.33
CA GLY D 30 -12.35 -0.80 -20.79
C GLY D 30 -13.22 -0.98 -19.54
N LEU D 31 -13.19 -2.18 -18.98
CA LEU D 31 -13.88 -2.43 -17.72
C LEU D 31 -13.21 -1.65 -16.60
N SER D 32 -14.04 -1.10 -15.71
CA SER D 32 -13.52 -0.37 -14.56
C SER D 32 -14.13 -0.89 -13.26
N SER D 33 -15.26 -0.32 -12.83
CA SER D 33 -15.99 -0.84 -11.69
C SER D 33 -17.18 -1.66 -12.19
N THR D 34 -17.32 -2.86 -11.67
CA THR D 34 -18.43 -3.75 -12.00
C THR D 34 -19.24 -4.02 -10.74
N TYR D 35 -20.56 -4.09 -10.89
CA TYR D 35 -21.49 -4.33 -9.79
C TYR D 35 -22.57 -5.27 -10.26
N TRP D 36 -23.20 -5.94 -9.28
CA TRP D 36 -24.33 -6.82 -9.54
C TRP D 36 -25.44 -6.48 -8.57
N TYR D 37 -26.66 -6.38 -9.07
CA TYR D 37 -27.82 -6.03 -8.27
C TYR D 37 -28.91 -7.07 -8.47
N ARG D 38 -29.77 -7.18 -7.47
CA ARG D 38 -30.82 -8.17 -7.48
C ARG D 38 -32.09 -7.55 -6.93
N LYS D 39 -33.21 -7.75 -7.63
CA LYS D 39 -34.53 -7.39 -7.13
C LYS D 39 -35.32 -8.70 -6.97
N LYS D 40 -35.52 -9.11 -5.72
CA LYS D 40 -36.14 -10.41 -5.47
C LYS D 40 -37.59 -10.42 -5.95
N SER D 41 -38.09 -11.64 -6.18
CA SER D 41 -39.46 -11.83 -6.63
C SER D 41 -40.42 -11.30 -5.57
N GLY D 42 -41.35 -10.44 -6.01
CA GLY D 42 -42.28 -9.79 -5.12
C GLY D 42 -41.76 -8.49 -4.51
N SER D 43 -40.45 -8.37 -4.37
CA SER D 43 -39.83 -7.17 -3.83
C SER D 43 -39.72 -6.09 -4.90
N THR D 44 -39.68 -4.84 -4.44
CA THR D 44 -39.61 -3.68 -5.33
C THR D 44 -38.33 -2.87 -5.11
N ASN D 45 -37.32 -3.44 -4.46
CA ASN D 45 -36.08 -2.73 -4.17
C ASN D 45 -34.89 -3.55 -4.62
N GLU D 46 -33.93 -2.89 -5.27
CA GLU D 46 -32.71 -3.55 -5.70
C GLU D 46 -31.70 -3.56 -4.55
N GLU D 47 -31.04 -4.68 -4.37
CA GLU D 47 -29.99 -4.83 -3.37
C GLU D 47 -28.68 -5.17 -4.04
N SER D 48 -27.58 -4.70 -3.47
CA SER D 48 -26.26 -5.00 -3.99
C SER D 48 -25.86 -6.43 -3.68
N ILE D 49 -25.19 -7.07 -4.63
CA ILE D 49 -24.68 -8.43 -4.45
C ILE D 49 -23.26 -8.31 -3.92
N SER D 50 -23.04 -8.70 -2.67
CA SER D 50 -21.68 -8.69 -2.15
C SER D 50 -20.89 -9.85 -2.77
N LYS D 51 -19.80 -9.52 -3.44
CA LYS D 51 -18.96 -10.53 -4.06
C LYS D 51 -18.19 -11.31 -3.01
N GLY D 52 -18.05 -12.61 -3.24
CA GLY D 52 -17.36 -13.46 -2.28
C GLY D 52 -18.20 -14.63 -1.82
N GLY D 53 -17.53 -15.67 -1.34
CA GLY D 53 -18.24 -16.82 -0.83
C GLY D 53 -19.08 -17.49 -1.90
N ARG D 54 -20.40 -17.42 -1.71
CA ARG D 54 -21.34 -18.06 -2.62
C ARG D 54 -21.38 -17.39 -3.99
N TYR D 55 -21.02 -16.11 -4.07
CA TYR D 55 -21.08 -15.36 -5.31
C TYR D 55 -19.67 -15.23 -5.82
N VAL D 56 -19.41 -15.72 -7.03
CA VAL D 56 -18.07 -15.72 -7.59
C VAL D 56 -18.10 -14.89 -8.86
N GLU D 57 -17.37 -13.77 -8.85
CA GLU D 57 -17.26 -12.93 -10.03
C GLU D 57 -15.93 -13.18 -10.72
N THR D 58 -15.97 -13.35 -12.03
CA THR D 58 -14.79 -13.49 -12.86
C THR D 58 -14.77 -12.35 -13.86
N ILE D 59 -13.59 -11.80 -14.10
CA ILE D 59 -13.43 -10.64 -14.97
C ILE D 59 -12.38 -10.99 -16.01
N ASN D 60 -12.71 -10.76 -17.28
CA ASN D 60 -11.78 -10.89 -18.40
C ASN D 60 -11.63 -9.51 -19.03
N GLU D 61 -10.56 -8.79 -18.67
CA GLU D 61 -10.39 -7.44 -19.16
C GLU D 61 -10.13 -7.44 -20.66
N GLY D 62 -9.41 -8.44 -21.17
CA GLY D 62 -9.05 -8.46 -22.58
C GLY D 62 -10.27 -8.52 -23.49
N SER D 63 -11.31 -9.22 -23.08
CA SER D 63 -12.55 -9.29 -23.85
C SER D 63 -13.64 -8.37 -23.32
N LYS D 64 -13.35 -7.56 -22.29
CA LYS D 64 -14.33 -6.64 -21.68
C LYS D 64 -15.58 -7.39 -21.24
N SER D 65 -15.38 -8.60 -20.69
CA SER D 65 -16.46 -9.44 -20.22
C SER D 65 -16.28 -9.77 -18.74
N PHE D 66 -17.40 -9.90 -18.03
CA PHE D 66 -17.36 -10.30 -16.63
C PHE D 66 -18.63 -11.07 -16.32
N SER D 67 -18.51 -12.03 -15.41
CA SER D 67 -19.61 -12.94 -15.15
C SER D 67 -19.77 -13.15 -13.66
N LEU D 68 -20.98 -13.53 -13.27
CA LEU D 68 -21.32 -13.84 -11.89
C LEU D 68 -21.82 -15.28 -11.84
N ARG D 69 -21.15 -16.11 -11.03
CA ARG D 69 -21.61 -17.47 -10.75
C ARG D 69 -22.15 -17.49 -9.32
N ILE D 70 -23.34 -18.06 -9.15
CA ILE D 70 -23.96 -18.23 -7.85
C ILE D 70 -24.10 -19.72 -7.59
N ASN D 71 -23.46 -20.20 -6.53
CA ASN D 71 -23.48 -21.59 -6.15
C ASN D 71 -24.50 -21.84 -5.04
N ASP D 72 -24.89 -23.09 -4.88
CA ASP D 72 -25.81 -23.51 -3.83
C ASP D 72 -27.07 -22.63 -3.81
N LEU D 73 -27.79 -22.67 -4.94
CA LEU D 73 -28.97 -21.84 -5.10
C LEU D 73 -30.08 -22.24 -4.13
N THR D 74 -30.82 -21.24 -3.67
CA THR D 74 -32.04 -21.43 -2.91
C THR D 74 -33.19 -20.72 -3.63
N VAL D 75 -34.42 -21.04 -3.22
CA VAL D 75 -35.58 -20.41 -3.86
C VAL D 75 -35.55 -18.91 -3.62
N GLU D 76 -34.97 -18.47 -2.50
CA GLU D 76 -34.89 -17.05 -2.20
C GLU D 76 -34.00 -16.29 -3.18
N ASP D 77 -33.18 -16.99 -3.96
CA ASP D 77 -32.37 -16.37 -5.01
C ASP D 77 -33.18 -16.01 -6.25
N SER D 78 -34.47 -16.29 -6.28
CA SER D 78 -35.31 -15.97 -7.43
C SER D 78 -35.52 -14.46 -7.51
N GLY D 79 -35.38 -13.92 -8.71
CA GLY D 79 -35.56 -12.50 -8.90
C GLY D 79 -34.95 -12.06 -10.21
N THR D 80 -34.83 -10.75 -10.36
CA THR D 80 -34.22 -10.14 -11.54
C THR D 80 -32.85 -9.61 -11.15
N TYR D 81 -31.82 -10.02 -11.89
CA TYR D 81 -30.44 -9.65 -11.66
C TYR D 81 -29.96 -8.73 -12.78
N ARG D 82 -29.11 -7.77 -12.44
CA ARG D 82 -28.66 -6.78 -13.41
C ARG D 82 -27.23 -6.39 -13.06
N CYS D 83 -26.38 -6.30 -14.08
CA CYS D 83 -25.01 -5.84 -13.89
C CYS D 83 -24.94 -4.35 -14.17
N LYS D 84 -23.96 -3.69 -13.58
CA LYS D 84 -23.74 -2.26 -13.76
C LYS D 84 -22.26 -2.00 -13.91
N LEU D 85 -21.92 -1.10 -14.82
CA LEU D 85 -20.54 -0.67 -15.03
C LEU D 85 -20.42 0.81 -14.67
N SER D 86 -19.33 1.17 -14.00
CA SER D 86 -19.08 2.56 -13.64
C SER D 86 -17.60 2.88 -13.79
N TRP D 87 -17.29 4.15 -14.03
CA TRP D 87 -15.91 4.60 -14.14
C TRP D 87 -15.55 5.64 -13.08
N TRP D 88 -16.31 5.70 -11.99
CA TRP D 88 -16.21 6.82 -11.03
C TRP D 88 -14.89 6.83 -10.28
N THR D 89 -14.16 5.72 -10.23
CA THR D 89 -12.91 5.76 -9.49
C THR D 89 -11.82 6.48 -10.26
N GLN D 90 -11.93 6.57 -11.58
CA GLN D 90 -10.85 7.13 -12.39
C GLN D 90 -10.70 8.63 -12.12
N ASN D 91 -9.46 9.09 -12.17
CA ASN D 91 -9.24 10.53 -12.05
C ASN D 91 -9.61 11.26 -13.33
N TRP D 92 -9.28 10.68 -14.49
CA TRP D 92 -9.71 11.18 -15.79
C TRP D 92 -10.66 10.14 -16.37
N ARG D 93 -11.95 10.37 -16.18
CA ARG D 93 -12.94 9.33 -16.44
C ARG D 93 -13.14 9.10 -17.92
N CYS D 94 -13.21 7.83 -18.29
CA CYS D 94 -13.52 7.49 -19.67
C CYS D 94 -14.98 7.79 -19.97
N SER D 95 -15.86 7.69 -18.97
CA SER D 95 -17.28 7.92 -19.17
C SER D 95 -17.85 8.59 -17.94
N ASN D 96 -18.72 9.58 -18.18
CA ASN D 96 -19.40 10.29 -17.11
C ASN D 96 -20.69 9.61 -16.65
N SER D 97 -21.19 8.63 -17.40
CA SER D 97 -22.42 7.93 -17.05
C SER D 97 -22.16 6.44 -16.93
N ASP D 98 -22.93 5.80 -16.06
CA ASP D 98 -22.91 4.35 -15.93
C ASP D 98 -23.70 3.68 -17.05
N VAL D 99 -23.48 2.37 -17.19
CA VAL D 99 -24.23 1.55 -18.15
C VAL D 99 -24.64 0.25 -17.47
N TYR D 100 -25.86 -0.20 -17.76
CA TYR D 100 -26.46 -1.38 -17.13
C TYR D 100 -26.73 -2.47 -18.14
N GLY D 101 -26.65 -3.71 -17.70
CA GLY D 101 -27.10 -4.81 -18.52
C GLY D 101 -28.62 -4.87 -18.59
N GLY D 102 -29.13 -5.65 -19.55
CA GLY D 102 -30.56 -5.74 -19.77
C GLY D 102 -31.30 -6.52 -18.70
N GLY D 103 -30.59 -7.28 -17.89
CA GLY D 103 -31.23 -8.00 -16.81
C GLY D 103 -31.46 -9.46 -17.16
N THR D 104 -31.55 -10.28 -16.10
CA THR D 104 -31.81 -11.71 -16.20
C THR D 104 -32.85 -12.08 -15.17
N VAL D 105 -33.93 -12.72 -15.60
CA VAL D 105 -34.96 -13.20 -14.69
C VAL D 105 -34.60 -14.62 -14.27
N VAL D 106 -34.35 -14.81 -12.98
CA VAL D 106 -33.90 -16.08 -12.42
C VAL D 106 -35.03 -16.70 -11.62
N THR D 107 -35.32 -17.96 -11.89
CA THR D 107 -36.32 -18.73 -11.14
C THR D 107 -35.63 -19.95 -10.55
N VAL D 108 -35.72 -20.10 -9.23
CA VAL D 108 -35.19 -21.26 -8.53
C VAL D 108 -36.35 -22.01 -7.91
N ASN D 109 -36.44 -23.30 -8.19
CA ASN D 109 -37.53 -24.15 -7.72
C ASN D 109 -37.00 -25.26 -6.80
N HIS D 110 -37.93 -25.88 -6.08
CA HIS D 110 -37.63 -27.08 -5.33
C HIS D 110 -37.70 -28.29 -6.25
N HIS D 111 -37.31 -29.44 -5.73
CA HIS D 111 -37.35 -30.65 -6.52
C HIS D 111 -38.77 -31.24 -6.46
N HIS D 112 -38.98 -32.36 -7.16
CA HIS D 112 -40.30 -32.99 -7.18
C HIS D 112 -40.56 -33.75 -5.88
N ALA E 1 -9.52 15.39 27.39
CA ALA E 1 -9.47 15.04 28.80
C ALA E 1 -10.85 14.69 29.33
N ARG E 2 -11.90 14.94 28.54
CA ARG E 2 -13.24 14.51 28.92
C ARG E 2 -14.08 14.39 27.66
N VAL E 3 -14.86 13.31 27.61
CA VAL E 3 -15.78 13.03 26.50
C VAL E 3 -17.19 13.24 27.03
N ASP E 4 -17.90 14.22 26.45
CA ASP E 4 -19.29 14.49 26.84
C ASP E 4 -20.21 13.68 25.92
N GLN E 5 -20.80 12.60 26.45
CA GLN E 5 -21.71 11.74 25.70
C GLN E 5 -23.15 12.09 26.06
N THR E 6 -23.94 12.46 25.06
CA THR E 6 -25.32 12.88 25.27
C THR E 6 -26.20 12.26 24.18
N PRO E 7 -27.46 11.98 24.52
CA PRO E 7 -28.07 12.13 25.85
C PRO E 7 -27.67 11.00 26.78
N GLN E 8 -27.96 11.11 28.08
CA GLN E 8 -27.64 10.05 29.02
C GLN E 8 -28.73 8.98 29.10
N THR E 9 -29.97 9.32 28.75
CA THR E 9 -31.06 8.36 28.72
C THR E 9 -31.87 8.57 27.45
N ILE E 10 -32.28 7.45 26.85
CA ILE E 10 -33.09 7.45 25.63
C ILE E 10 -34.15 6.37 25.79
N THR E 11 -35.40 6.71 25.54
CA THR E 11 -36.49 5.74 25.52
C THR E 11 -37.22 5.84 24.19
N LYS E 12 -37.29 4.74 23.46
CA LYS E 12 -37.93 4.70 22.16
C LYS E 12 -38.83 3.49 22.06
N GLU E 13 -39.58 3.44 20.97
CA GLU E 13 -40.43 2.31 20.64
C GLU E 13 -39.90 1.65 19.36
N THR E 14 -40.38 0.45 19.09
CA THR E 14 -39.88 -0.33 17.97
C THR E 14 -40.10 0.40 16.64
N GLY E 15 -39.08 0.35 15.79
CA GLY E 15 -39.13 0.96 14.48
C GLY E 15 -38.62 2.39 14.41
N GLU E 16 -38.40 3.05 15.55
CA GLU E 16 -37.89 4.40 15.56
C GLU E 16 -36.35 4.37 15.42
N SER E 17 -35.73 5.54 15.49
CA SER E 17 -34.29 5.62 15.47
C SER E 17 -33.82 6.51 16.61
N LEU E 18 -32.54 6.39 16.95
CA LEU E 18 -31.95 7.21 18.00
C LEU E 18 -30.57 7.68 17.56
N THR E 19 -30.06 8.69 18.26
CA THR E 19 -28.74 9.21 17.99
C THR E 19 -28.05 9.47 19.32
N ILE E 20 -26.78 9.04 19.43
CA ILE E 20 -25.93 9.35 20.56
C ILE E 20 -24.77 10.19 20.05
N ASN E 21 -24.36 11.19 20.81
CA ASN E 21 -23.29 12.10 20.41
C ASN E 21 -22.17 12.09 21.45
N CYS E 22 -20.91 12.11 20.97
CA CYS E 22 -19.72 12.22 21.81
C CYS E 22 -18.84 13.34 21.28
N VAL E 23 -18.35 14.20 22.18
CA VAL E 23 -17.45 15.31 21.81
C VAL E 23 -16.26 15.32 22.77
N LEU E 24 -15.05 15.43 22.22
CA LEU E 24 -13.82 15.45 23.00
C LEU E 24 -13.51 16.88 23.44
N ARG E 25 -13.46 17.10 24.75
CA ARG E 25 -13.18 18.41 25.33
C ARG E 25 -11.84 18.39 26.07
N ASP E 26 -11.22 19.57 26.17
CA ASP E 26 -10.05 19.79 27.04
C ASP E 26 -8.88 18.91 26.65
N SER E 27 -8.60 18.86 25.34
CA SER E 27 -7.54 18.01 24.83
C SER E 27 -6.88 18.71 23.65
N ASN E 28 -5.56 18.60 23.57
CA ASN E 28 -4.87 19.02 22.36
C ASN E 28 -4.91 17.93 21.27
N CYS E 29 -5.52 16.79 21.55
CA CYS E 29 -5.63 15.70 20.58
C CYS E 29 -6.86 15.86 19.73
N GLY E 30 -6.77 15.39 18.48
CA GLY E 30 -7.93 15.24 17.63
C GLY E 30 -8.46 13.82 17.67
N LEU E 31 -9.59 13.62 16.99
CA LEU E 31 -10.12 12.27 16.87
C LEU E 31 -9.20 11.40 16.04
N SER E 32 -8.98 10.17 16.50
CA SER E 32 -8.13 9.19 15.82
C SER E 32 -8.93 7.92 15.59
N SER E 33 -8.93 7.02 16.57
CA SER E 33 -9.77 5.83 16.55
C SER E 33 -10.97 6.06 17.45
N THR E 34 -12.16 5.78 16.93
CA THR E 34 -13.42 5.89 17.65
C THR E 34 -14.11 4.54 17.70
N TYR E 35 -14.78 4.26 18.83
CA TYR E 35 -15.47 2.98 18.98
C TYR E 35 -16.80 3.19 19.68
N TRP E 36 -17.71 2.23 19.48
CA TRP E 36 -18.98 2.19 20.18
C TRP E 36 -19.18 0.78 20.74
N TYR E 37 -19.61 0.69 22.00
CA TYR E 37 -19.82 -0.57 22.68
C TYR E 37 -21.21 -0.61 23.29
N ARG E 38 -21.71 -1.83 23.48
CA ARG E 38 -23.06 -2.04 23.98
C ARG E 38 -23.03 -3.15 25.00
N LYS E 39 -23.67 -2.92 26.14
CA LYS E 39 -23.94 -3.97 27.12
C LYS E 39 -25.45 -4.11 27.22
N LYS E 40 -25.98 -5.21 26.68
CA LYS E 40 -27.42 -5.39 26.64
C LYS E 40 -28.00 -5.56 28.05
N SER E 41 -29.30 -5.27 28.17
CA SER E 41 -29.95 -5.42 29.45
C SER E 41 -29.92 -6.88 29.91
N GLY E 42 -29.47 -7.09 31.15
CA GLY E 42 -29.30 -8.42 31.69
C GLY E 42 -27.94 -9.04 31.42
N SER E 43 -27.28 -8.64 30.34
CA SER E 43 -25.96 -9.17 30.03
C SER E 43 -24.90 -8.46 30.85
N THR E 44 -23.78 -9.16 31.06
CA THR E 44 -22.67 -8.64 31.85
C THR E 44 -21.40 -8.46 31.03
N ASN E 45 -21.53 -8.44 29.70
CA ASN E 45 -20.39 -8.29 28.81
C ASN E 45 -20.69 -7.23 27.75
N GLU E 46 -19.71 -6.38 27.49
CA GLU E 46 -19.82 -5.37 26.44
C GLU E 46 -19.42 -5.97 25.11
N GLU E 47 -20.19 -5.66 24.07
CA GLU E 47 -19.90 -6.10 22.72
C GLU E 47 -19.67 -4.88 21.84
N SER E 48 -18.75 -5.03 20.88
CA SER E 48 -18.44 -3.94 19.97
C SER E 48 -19.56 -3.76 18.95
N ILE E 49 -19.86 -2.52 18.63
CA ILE E 49 -20.88 -2.20 17.63
C ILE E 49 -20.18 -2.03 16.29
N SER E 50 -20.40 -2.97 15.38
CA SER E 50 -19.82 -2.86 14.04
C SER E 50 -20.54 -1.79 13.26
N LYS E 51 -19.78 -0.83 12.75
CA LYS E 51 -20.36 0.26 11.98
C LYS E 51 -20.87 -0.25 10.64
N GLY E 52 -22.03 0.25 10.22
CA GLY E 52 -22.62 -0.21 8.98
C GLY E 52 -24.05 -0.69 9.16
N GLY E 53 -24.82 -0.69 8.05
CA GLY E 53 -26.19 -1.15 8.06
C GLY E 53 -27.09 -0.29 8.92
N ARG E 54 -27.65 -0.89 9.98
CA ARG E 54 -28.53 -0.12 10.87
C ARG E 54 -27.75 0.92 11.67
N TYR E 55 -26.45 0.72 11.84
CA TYR E 55 -25.62 1.59 12.65
C TYR E 55 -24.80 2.51 11.74
N VAL E 56 -25.01 3.81 11.88
CA VAL E 56 -24.35 4.82 11.06
C VAL E 56 -23.56 5.74 11.99
N GLU E 57 -22.24 5.79 11.80
CA GLU E 57 -21.39 6.70 12.53
C GLU E 57 -21.05 7.89 11.65
N THR E 58 -21.18 9.09 12.19
CA THR E 58 -20.77 10.31 11.50
C THR E 58 -19.71 11.00 12.34
N ILE E 59 -18.69 11.55 11.68
CA ILE E 59 -17.56 12.16 12.37
C ILE E 59 -17.35 13.58 11.84
N ASN E 60 -17.23 14.53 12.75
CA ASN E 60 -16.84 15.90 12.43
C ASN E 60 -15.49 16.12 13.10
N GLU E 61 -14.42 16.00 12.32
CA GLU E 61 -13.08 16.07 12.91
C GLU E 61 -12.79 17.46 13.46
N GLY E 62 -13.26 18.51 12.77
CA GLY E 62 -12.95 19.86 13.22
C GLY E 62 -13.51 20.18 14.60
N SER E 63 -14.70 19.67 14.90
CA SER E 63 -15.30 19.91 16.21
C SER E 63 -15.06 18.78 17.19
N LYS E 64 -14.28 17.77 16.79
CA LYS E 64 -13.96 16.63 17.65
C LYS E 64 -15.23 15.97 18.17
N SER E 65 -16.25 15.90 17.32
CA SER E 65 -17.50 15.28 17.71
C SER E 65 -17.80 14.12 16.76
N PHE E 66 -18.42 13.08 17.31
CA PHE E 66 -18.84 11.96 16.48
C PHE E 66 -20.09 11.35 17.11
N SER E 67 -20.92 10.78 16.24
CA SER E 67 -22.23 10.33 16.70
C SER E 67 -22.58 8.99 16.06
N LEU E 68 -23.46 8.27 16.76
CA LEU E 68 -24.00 6.99 16.31
C LEU E 68 -25.51 7.09 16.22
N ARG E 69 -26.05 6.83 15.03
CA ARG E 69 -27.48 6.68 14.81
C ARG E 69 -27.80 5.21 14.54
N ILE E 70 -28.81 4.70 15.21
CA ILE E 70 -29.30 3.34 15.04
C ILE E 70 -30.72 3.44 14.49
N ASN E 71 -30.94 2.91 13.29
CA ASN E 71 -32.23 2.97 12.64
C ASN E 71 -33.02 1.69 12.85
N ASP E 72 -34.34 1.79 12.70
CA ASP E 72 -35.25 0.65 12.80
C ASP E 72 -35.00 -0.16 14.08
N LEU E 73 -35.21 0.50 15.22
CA LEU E 73 -34.90 -0.06 16.52
C LEU E 73 -35.76 -1.28 16.83
N THR E 74 -35.15 -2.24 17.54
CA THR E 74 -35.84 -3.41 18.08
C THR E 74 -35.67 -3.44 19.59
N VAL E 75 -36.47 -4.30 20.23
CA VAL E 75 -36.40 -4.43 21.69
C VAL E 75 -35.05 -4.92 22.13
N GLU E 76 -34.38 -5.74 21.30
CA GLU E 76 -33.05 -6.26 21.65
C GLU E 76 -32.00 -5.17 21.68
N ASP E 77 -32.28 -4.00 21.13
CA ASP E 77 -31.34 -2.90 21.14
C ASP E 77 -31.25 -2.20 22.51
N SER E 78 -32.05 -2.61 23.48
CA SER E 78 -32.02 -1.98 24.80
C SER E 78 -30.76 -2.36 25.56
N GLY E 79 -30.15 -1.37 26.19
CA GLY E 79 -28.95 -1.59 26.96
C GLY E 79 -28.22 -0.28 27.19
N THR E 80 -26.97 -0.42 27.63
CA THR E 80 -26.09 0.71 27.90
C THR E 80 -25.05 0.81 26.79
N TYR E 81 -24.96 1.99 26.18
CA TYR E 81 -24.06 2.28 25.08
C TYR E 81 -23.00 3.27 25.53
N ARG E 82 -21.78 3.11 25.02
CA ARG E 82 -20.64 3.91 25.44
C ARG E 82 -19.71 4.10 24.24
N CYS E 83 -19.23 5.32 24.07
CA CYS E 83 -18.23 5.58 23.03
C CYS E 83 -16.84 5.50 23.65
N LYS E 84 -15.85 5.18 22.81
CA LYS E 84 -14.48 5.07 23.27
C LYS E 84 -13.54 5.68 22.25
N LEU E 85 -12.57 6.45 22.73
CA LEU E 85 -11.55 7.07 21.90
C LEU E 85 -10.18 6.49 22.22
N SER E 86 -9.39 6.22 21.17
CA SER E 86 -8.05 5.68 21.33
C SER E 86 -7.14 6.30 20.30
N TRP E 87 -5.85 6.35 20.62
CA TRP E 87 -4.83 6.84 19.72
C TRP E 87 -3.78 5.78 19.41
N TRP E 88 -4.16 4.49 19.56
CA TRP E 88 -3.20 3.39 19.54
C TRP E 88 -2.53 3.18 18.18
N THR E 89 -3.10 3.68 17.08
CA THR E 89 -2.47 3.44 15.79
C THR E 89 -1.26 4.32 15.55
N GLN E 90 -1.17 5.47 16.23
CA GLN E 90 -0.11 6.44 15.97
C GLN E 90 1.24 5.90 16.44
N ASN E 91 2.31 6.28 15.71
CA ASN E 91 3.64 5.93 16.15
C ASN E 91 4.04 6.79 17.35
N TRP E 92 3.68 8.06 17.32
CA TRP E 92 3.88 8.97 18.44
C TRP E 92 2.49 9.30 18.99
N ARG E 93 2.10 8.59 20.03
CA ARG E 93 0.73 8.61 20.50
C ARG E 93 0.39 9.96 21.09
N CYS E 94 -0.77 10.50 20.74
CA CYS E 94 -1.14 11.79 21.32
C CYS E 94 -1.47 11.65 22.80
N SER E 95 -2.04 10.51 23.19
CA SER E 95 -2.36 10.20 24.57
C SER E 95 -2.14 8.70 24.76
N ASN E 96 -1.52 8.32 25.88
CA ASN E 96 -1.32 6.89 26.10
C ASN E 96 -2.54 6.19 26.65
N SER E 97 -3.56 6.93 27.07
CA SER E 97 -4.72 6.33 27.68
C SER E 97 -5.93 6.61 26.81
N ASP E 98 -6.83 5.65 26.76
CA ASP E 98 -8.10 5.83 26.10
C ASP E 98 -9.03 6.65 26.98
N VAL E 99 -10.08 7.22 26.38
CA VAL E 99 -11.08 7.98 27.11
C VAL E 99 -12.47 7.50 26.69
N TYR E 100 -13.37 7.38 27.66
CA TYR E 100 -14.69 6.83 27.44
C TYR E 100 -15.74 7.91 27.70
N GLY E 101 -16.84 7.84 26.95
CA GLY E 101 -18.00 8.65 27.27
C GLY E 101 -18.69 8.14 28.52
N GLY E 102 -19.58 8.98 29.06
CA GLY E 102 -20.26 8.65 30.31
C GLY E 102 -21.30 7.56 30.19
N GLY E 103 -21.72 7.23 28.99
CA GLY E 103 -22.69 6.16 28.84
C GLY E 103 -24.10 6.68 28.61
N THR E 104 -24.91 5.86 27.96
CA THR E 104 -26.30 6.17 27.67
C THR E 104 -27.12 4.92 27.95
N VAL E 105 -28.16 5.05 28.77
CA VAL E 105 -29.07 3.94 29.02
C VAL E 105 -30.21 4.03 28.02
N VAL E 106 -30.32 3.03 27.15
CA VAL E 106 -31.30 3.00 26.06
C VAL E 106 -32.37 1.95 26.38
N THR E 107 -33.63 2.34 26.30
CA THR E 107 -34.76 1.44 26.48
C THR E 107 -35.65 1.47 25.25
N VAL E 108 -35.90 0.31 24.65
CA VAL E 108 -36.82 0.18 23.52
C VAL E 108 -38.01 -0.67 23.95
N ASN E 109 -39.21 -0.16 23.73
CA ASN E 109 -40.47 -0.80 24.11
C ASN E 109 -41.29 -1.10 22.86
N HIS E 110 -42.35 -1.90 23.02
CA HIS E 110 -43.27 -2.17 21.92
C HIS E 110 -44.29 -1.04 21.75
N HIS E 111 -45.07 -1.14 20.67
CA HIS E 111 -46.08 -0.14 20.26
C HIS E 111 -45.40 1.15 19.79
N ALA F 1 9.60 -33.12 5.10
CA ALA F 1 8.52 -32.23 5.52
C ALA F 1 7.38 -33.03 6.15
N ARG F 2 6.90 -32.56 7.29
CA ARG F 2 5.75 -33.20 7.92
C ARG F 2 5.08 -32.19 8.83
N VAL F 3 3.75 -32.15 8.82
CA VAL F 3 3.00 -31.26 9.69
C VAL F 3 2.38 -32.11 10.80
N ASP F 4 2.83 -31.87 12.03
CA ASP F 4 2.33 -32.57 13.21
C ASP F 4 1.16 -31.79 13.79
N GLN F 5 -0.05 -32.33 13.62
CA GLN F 5 -1.27 -31.73 14.15
C GLN F 5 -1.69 -32.49 15.41
N THR F 6 -1.82 -31.77 16.52
CA THR F 6 -2.16 -32.38 17.80
C THR F 6 -3.24 -31.56 18.49
N PRO F 7 -4.07 -32.20 19.31
CA PRO F 7 -4.16 -33.65 19.56
C PRO F 7 -4.93 -34.31 18.43
N GLN F 8 -4.96 -35.64 18.38
CA GLN F 8 -5.69 -36.34 17.32
C GLN F 8 -7.17 -36.50 17.62
N THR F 9 -7.55 -36.47 18.90
CA THR F 9 -8.96 -36.53 19.29
C THR F 9 -9.21 -35.52 20.41
N ILE F 10 -10.38 -34.89 20.36
CA ILE F 10 -10.81 -33.92 21.36
C ILE F 10 -12.26 -34.20 21.71
N THR F 11 -12.56 -34.31 23.01
CA THR F 11 -13.92 -34.40 23.50
C THR F 11 -14.14 -33.32 24.53
N LYS F 12 -15.11 -32.45 24.27
CA LYS F 12 -15.44 -31.32 25.12
C LYS F 12 -16.94 -31.28 25.33
N GLU F 13 -17.39 -30.38 26.18
CA GLU F 13 -18.80 -30.13 26.37
C GLU F 13 -19.14 -28.72 25.91
N THR F 14 -20.44 -28.49 25.77
CA THR F 14 -20.91 -27.22 25.24
C THR F 14 -20.47 -26.06 26.14
N GLY F 15 -20.03 -24.98 25.50
CA GLY F 15 -19.60 -23.80 26.22
C GLY F 15 -18.12 -23.78 26.57
N GLU F 16 -17.42 -24.90 26.43
CA GLU F 16 -16.00 -24.96 26.71
C GLU F 16 -15.23 -24.45 25.49
N SER F 17 -13.90 -24.53 25.53
CA SER F 17 -13.10 -24.19 24.37
C SER F 17 -12.12 -25.31 24.10
N LEU F 18 -11.56 -25.29 22.88
CA LEU F 18 -10.55 -26.27 22.50
C LEU F 18 -9.48 -25.56 21.69
N THR F 19 -8.32 -26.21 21.59
CA THR F 19 -7.20 -25.70 20.81
C THR F 19 -6.60 -26.86 20.04
N ILE F 20 -6.37 -26.64 18.75
CA ILE F 20 -5.65 -27.57 17.89
C ILE F 20 -4.37 -26.88 17.43
N ASN F 21 -3.27 -27.61 17.41
CA ASN F 21 -1.99 -27.01 17.05
C ASN F 21 -1.34 -27.79 15.92
N CYS F 22 -0.72 -27.06 14.98
CA CYS F 22 0.05 -27.66 13.87
C CYS F 22 1.46 -27.07 13.84
N VAL F 23 2.45 -27.94 13.65
CA VAL F 23 3.85 -27.53 13.59
C VAL F 23 4.50 -28.10 12.34
N LEU F 24 5.22 -27.26 11.59
CA LEU F 24 5.93 -27.70 10.40
C LEU F 24 7.28 -28.28 10.80
N ARG F 25 7.48 -29.56 10.52
CA ARG F 25 8.70 -30.26 10.90
C ARG F 25 9.48 -30.65 9.65
N ASP F 26 10.80 -30.75 9.83
CA ASP F 26 11.73 -31.32 8.84
C ASP F 26 11.63 -30.61 7.51
N SER F 27 11.65 -29.28 7.55
CA SER F 27 11.52 -28.47 6.37
C SER F 27 12.41 -27.24 6.52
N ASN F 28 13.07 -26.84 5.44
CA ASN F 28 13.76 -25.57 5.46
C ASN F 28 12.82 -24.39 5.19
N CYS F 29 11.56 -24.67 4.95
CA CYS F 29 10.58 -23.63 4.69
C CYS F 29 9.98 -23.10 5.99
N GLY F 30 9.61 -21.82 5.96
CA GLY F 30 8.83 -21.23 7.03
C GLY F 30 7.35 -21.26 6.72
N LEU F 31 6.57 -20.81 7.69
CA LEU F 31 5.14 -20.68 7.48
C LEU F 31 4.88 -19.59 6.46
N SER F 32 3.94 -19.85 5.56
CA SER F 32 3.56 -18.87 4.56
C SER F 32 2.06 -18.64 4.63
N SER F 33 1.28 -19.44 3.91
CA SER F 33 -0.17 -19.41 4.02
C SER F 33 -0.64 -20.58 4.86
N THR F 34 -1.48 -20.32 5.85
CA THR F 34 -2.04 -21.34 6.72
C THR F 34 -3.56 -21.30 6.62
N TYR F 35 -4.19 -22.47 6.61
CA TYR F 35 -5.64 -22.56 6.53
C TYR F 35 -6.13 -23.66 7.45
N TRP F 36 -7.40 -23.57 7.83
CA TRP F 36 -8.06 -24.58 8.64
C TRP F 36 -9.36 -24.99 7.98
N TYR F 37 -9.63 -26.29 7.96
CA TYR F 37 -10.83 -26.83 7.36
C TYR F 37 -11.55 -27.73 8.34
N ARG F 38 -12.86 -27.86 8.15
CA ARG F 38 -13.71 -28.63 9.03
C ARG F 38 -14.71 -29.38 8.18
N LYS F 39 -14.87 -30.67 8.46
CA LYS F 39 -15.93 -31.49 7.89
C LYS F 39 -16.83 -31.87 9.06
N LYS F 40 -18.02 -31.27 9.13
CA LYS F 40 -18.91 -31.47 10.27
C LYS F 40 -19.42 -32.91 10.32
N SER F 41 -19.87 -33.29 11.52
CA SER F 41 -20.41 -34.62 11.73
C SER F 41 -21.63 -34.83 10.85
N GLY F 42 -21.62 -35.92 10.10
CA GLY F 42 -22.68 -36.25 9.16
C GLY F 42 -22.52 -35.62 7.79
N SER F 43 -21.88 -34.45 7.70
CA SER F 43 -21.65 -33.83 6.41
C SER F 43 -20.43 -34.45 5.73
N THR F 44 -20.41 -34.37 4.40
CA THR F 44 -19.34 -34.94 3.61
C THR F 44 -18.60 -33.88 2.80
N ASN F 45 -18.72 -32.61 3.17
CA ASN F 45 -18.08 -31.51 2.45
C ASN F 45 -17.27 -30.67 3.42
N GLU F 46 -16.05 -30.31 3.00
CA GLU F 46 -15.17 -29.49 3.80
C GLU F 46 -15.48 -28.01 3.61
N GLU F 47 -15.49 -27.27 4.71
CA GLU F 47 -15.66 -25.83 4.69
C GLU F 47 -14.44 -25.17 5.30
N SER F 48 -14.09 -24.01 4.79
CA SER F 48 -12.95 -23.26 5.34
C SER F 48 -13.36 -22.64 6.66
N ILE F 49 -12.45 -22.64 7.63
CA ILE F 49 -12.71 -22.02 8.92
C ILE F 49 -12.19 -20.60 8.85
N SER F 50 -13.11 -19.64 8.77
CA SER F 50 -12.77 -18.22 8.74
C SER F 50 -12.37 -17.74 10.13
N LYS F 51 -11.18 -17.16 10.24
CA LYS F 51 -10.72 -16.67 11.53
C LYS F 51 -11.54 -15.46 11.98
N GLY F 52 -11.78 -15.37 13.28
CA GLY F 52 -12.59 -14.31 13.84
C GLY F 52 -13.72 -14.84 14.70
N GLY F 53 -14.22 -13.99 15.62
CA GLY F 53 -15.32 -14.36 16.49
C GLY F 53 -14.95 -15.51 17.42
N ARG F 54 -15.65 -16.63 17.28
CA ARG F 54 -15.37 -17.80 18.11
C ARG F 54 -14.05 -18.45 17.75
N TYR F 55 -13.54 -18.19 16.54
CA TYR F 55 -12.32 -18.81 16.05
C TYR F 55 -11.17 -17.82 16.11
N VAL F 56 -10.12 -18.18 16.85
CA VAL F 56 -8.92 -17.35 16.96
C VAL F 56 -7.72 -18.17 16.52
N GLU F 57 -7.01 -17.69 15.48
CA GLU F 57 -5.80 -18.34 15.00
C GLU F 57 -4.59 -17.60 15.53
N THR F 58 -3.61 -18.37 16.01
CA THR F 58 -2.35 -17.84 16.50
C THR F 58 -1.23 -18.40 15.64
N ILE F 59 -0.22 -17.58 15.35
CA ILE F 59 0.92 -18.00 14.54
C ILE F 59 2.21 -17.65 15.28
N ASN F 60 3.11 -18.62 15.41
CA ASN F 60 4.45 -18.40 15.92
C ASN F 60 5.42 -18.76 14.81
N GLU F 61 5.93 -17.76 14.11
CA GLU F 61 6.77 -18.02 12.94
C GLU F 61 8.10 -18.65 13.35
N GLY F 62 8.66 -18.21 14.48
CA GLY F 62 9.96 -18.71 14.89
C GLY F 62 9.96 -20.20 15.16
N SER F 63 8.86 -20.72 15.71
CA SER F 63 8.73 -22.15 15.99
C SER F 63 7.95 -22.87 14.90
N LYS F 64 7.56 -22.16 13.84
CA LYS F 64 6.79 -22.72 12.73
C LYS F 64 5.54 -23.43 13.22
N SER F 65 4.90 -22.88 14.25
CA SER F 65 3.69 -23.47 14.79
C SER F 65 2.54 -22.47 14.69
N PHE F 66 1.34 -23.00 14.49
CA PHE F 66 0.14 -22.18 14.44
C PHE F 66 -1.02 -22.99 14.99
N SER F 67 -1.97 -22.30 15.58
CA SER F 67 -3.01 -22.96 16.35
C SER F 67 -4.36 -22.35 16.04
N LEU F 68 -5.40 -23.15 16.26
CA LEU F 68 -6.80 -22.75 16.16
C LEU F 68 -7.46 -23.00 17.49
N ARG F 69 -8.02 -21.94 18.08
CA ARG F 69 -8.84 -22.04 19.27
C ARG F 69 -10.28 -21.74 18.90
N ILE F 70 -11.20 -22.57 19.38
CA ILE F 70 -12.64 -22.33 19.22
C ILE F 70 -13.22 -22.14 20.61
N ASN F 71 -13.80 -20.97 20.85
CA ASN F 71 -14.41 -20.64 22.13
C ASN F 71 -15.91 -20.88 22.05
N ASP F 72 -16.51 -21.07 23.24
CA ASP F 72 -17.95 -21.29 23.38
C ASP F 72 -18.44 -22.36 22.40
N LEU F 73 -17.91 -23.56 22.59
CA LEU F 73 -18.17 -24.66 21.68
C LEU F 73 -19.66 -25.00 21.65
N THR F 74 -20.12 -25.39 20.47
CA THR F 74 -21.47 -25.90 20.31
C THR F 74 -21.40 -27.32 19.76
N VAL F 75 -22.55 -28.00 19.82
CA VAL F 75 -22.61 -29.37 19.32
C VAL F 75 -22.34 -29.41 17.83
N GLU F 76 -22.73 -28.36 17.10
CA GLU F 76 -22.50 -28.32 15.66
C GLU F 76 -21.02 -28.20 15.32
N ASP F 77 -20.17 -27.83 16.29
CA ASP F 77 -18.74 -27.77 16.03
C ASP F 77 -18.10 -29.16 15.96
N SER F 78 -18.87 -30.22 16.17
CA SER F 78 -18.31 -31.57 16.11
C SER F 78 -17.97 -31.92 14.66
N GLY F 79 -16.80 -32.51 14.46
CA GLY F 79 -16.38 -32.90 13.13
C GLY F 79 -14.89 -33.17 13.08
N THR F 80 -14.37 -33.25 11.86
CA THR F 80 -12.95 -33.48 11.63
C THR F 80 -12.31 -32.19 11.15
N TYR F 81 -11.26 -31.76 11.86
CA TYR F 81 -10.54 -30.53 11.55
C TYR F 81 -9.15 -30.88 11.04
N ARG F 82 -8.67 -30.08 10.09
CA ARG F 82 -7.40 -30.31 9.42
C ARG F 82 -6.76 -28.99 9.04
N CYS F 83 -5.46 -28.87 9.29
CA CYS F 83 -4.74 -27.69 8.84
C CYS F 83 -4.07 -27.95 7.49
N LYS F 84 -3.81 -26.86 6.77
CA LYS F 84 -3.15 -26.94 5.47
C LYS F 84 -2.14 -25.80 5.39
N LEU F 85 -0.96 -26.10 4.82
CA LEU F 85 0.08 -25.12 4.57
C LEU F 85 0.29 -24.98 3.07
N SER F 86 0.46 -23.73 2.61
CA SER F 86 0.68 -23.47 1.21
C SER F 86 1.70 -22.36 1.05
N TRP F 87 2.40 -22.35 -0.08
CA TRP F 87 3.36 -21.30 -0.38
C TRP F 87 3.00 -20.53 -1.64
N TRP F 88 1.71 -20.55 -2.03
CA TRP F 88 1.30 -20.09 -3.35
C TRP F 88 1.46 -18.60 -3.58
N THR F 89 1.57 -17.79 -2.53
CA THR F 89 1.72 -16.35 -2.74
C THR F 89 3.13 -15.95 -3.14
N GLN F 90 4.13 -16.79 -2.85
CA GLN F 90 5.50 -16.39 -3.07
C GLN F 90 5.83 -16.31 -4.55
N ASN F 91 6.72 -15.38 -4.91
CA ASN F 91 7.19 -15.34 -6.29
C ASN F 91 8.19 -16.46 -6.56
N TRP F 92 9.05 -16.76 -5.59
CA TRP F 92 9.96 -17.90 -5.64
C TRP F 92 9.55 -18.85 -4.53
N ARG F 93 8.74 -19.84 -4.86
CA ARG F 93 8.08 -20.64 -3.84
C ARG F 93 9.06 -21.55 -3.12
N CYS F 94 8.92 -21.64 -1.80
CA CYS F 94 9.78 -22.53 -1.04
C CYS F 94 9.42 -24.00 -1.29
N SER F 95 8.16 -24.30 -1.56
CA SER F 95 7.68 -25.65 -1.82
C SER F 95 6.59 -25.58 -2.89
N ASN F 96 6.62 -26.52 -3.82
CA ASN F 96 5.64 -26.57 -4.90
C ASN F 96 4.37 -27.35 -4.52
N SER F 97 4.36 -28.00 -3.37
CA SER F 97 3.23 -28.80 -2.92
C SER F 97 2.70 -28.25 -1.61
N ASP F 98 1.39 -28.36 -1.43
CA ASP F 98 0.84 -28.06 -0.11
C ASP F 98 1.06 -29.27 0.80
N VAL F 99 0.98 -29.03 2.11
CA VAL F 99 1.08 -30.13 3.08
C VAL F 99 -0.03 -29.96 4.11
N TYR F 100 -0.59 -31.07 4.55
CA TYR F 100 -1.72 -31.09 5.46
C TYR F 100 -1.33 -31.75 6.78
N GLY F 101 -1.97 -31.31 7.84
CA GLY F 101 -1.89 -32.02 9.10
C GLY F 101 -2.72 -33.30 9.06
N GLY F 102 -2.48 -34.14 10.06
CA GLY F 102 -3.15 -35.43 10.14
C GLY F 102 -4.63 -35.36 10.50
N GLY F 103 -5.10 -34.24 11.02
CA GLY F 103 -6.51 -34.17 11.33
C GLY F 103 -6.79 -34.38 12.80
N THR F 104 -7.92 -33.83 13.26
CA THR F 104 -8.39 -33.98 14.62
C THR F 104 -9.90 -34.23 14.59
N VAL F 105 -10.34 -35.31 15.21
CA VAL F 105 -11.76 -35.59 15.31
C VAL F 105 -12.28 -34.97 16.60
N VAL F 106 -13.19 -34.01 16.47
CA VAL F 106 -13.71 -33.24 17.59
C VAL F 106 -15.13 -33.68 17.89
N THR F 107 -15.38 -34.01 19.16
CA THR F 107 -16.71 -34.38 19.64
C THR F 107 -17.12 -33.40 20.73
N VAL F 108 -18.26 -32.73 20.53
CA VAL F 108 -18.82 -31.82 21.52
C VAL F 108 -20.16 -32.37 21.97
N ASN F 109 -20.33 -32.52 23.27
CA ASN F 109 -21.53 -33.09 23.87
C ASN F 109 -22.22 -32.06 24.75
N HIS F 110 -23.45 -32.37 25.13
CA HIS F 110 -24.20 -31.55 26.08
C HIS F 110 -23.74 -31.86 27.50
N HIS F 111 -24.22 -31.07 28.46
CA HIS F 111 -23.80 -31.26 29.84
C HIS F 111 -24.52 -32.41 30.53
N HIS F 112 -25.63 -32.89 29.95
CA HIS F 112 -26.36 -34.02 30.50
C HIS F 112 -26.87 -34.91 29.38
C1 EDO G . -5.33 15.91 -6.24
O1 EDO G . -5.88 15.87 -4.92
C2 EDO G . -4.08 16.76 -6.23
O2 EDO G . -3.25 16.36 -5.14
S SO4 H . 8.46 6.00 -3.54
O1 SO4 H . 7.71 4.78 -3.19
O2 SO4 H . 7.81 6.70 -4.66
O3 SO4 H . 8.48 6.93 -2.42
O4 SO4 H . 9.85 5.65 -3.91
S SO4 I . 11.24 0.50 12.97
O1 SO4 I . 12.01 0.12 14.15
O2 SO4 I . 11.41 -0.51 11.92
O3 SO4 I . 11.72 1.80 12.48
O4 SO4 I . 9.83 0.60 13.33
S SO4 J . 18.40 10.42 -6.88
O1 SO4 J . 18.44 9.44 -5.80
O2 SO4 J . 17.90 9.81 -8.12
O3 SO4 J . 17.50 11.53 -6.49
O4 SO4 J . 19.75 10.92 -7.10
S SO4 K . 31.30 17.50 -11.54
O1 SO4 K . 32.36 17.09 -10.62
O2 SO4 K . 30.05 16.82 -11.17
O3 SO4 K . 31.12 18.94 -11.46
O4 SO4 K . 31.66 17.12 -12.90
C1 EDO L . 6.25 -10.15 -13.49
O1 EDO L . 4.98 -9.82 -14.07
C2 EDO L . 7.24 -9.04 -13.82
O2 EDO L . 6.68 -7.78 -13.42
S SO4 M . 3.71 2.21 -1.74
O1 SO4 M . 4.13 1.64 -0.47
O2 SO4 M . 2.87 1.24 -2.44
O3 SO4 M . 2.91 3.41 -1.51
O4 SO4 M . 4.88 2.54 -2.53
C1 EDO N . -19.83 3.72 -21.66
O1 EDO N . -20.67 4.88 -21.79
C2 EDO N . -18.91 3.60 -22.86
O2 EDO N . -17.91 4.63 -22.81
S SO4 O . -17.33 -4.76 -30.44
O1 SO4 O . -16.77 -5.56 -29.34
O2 SO4 O . -17.92 -5.65 -31.43
O3 SO4 O . -18.35 -3.86 -29.91
O4 SO4 O . -16.27 -3.95 -31.05
NI NI P . -35.58 -28.92 -2.02
C1 EDO Q . -12.53 -1.71 25.28
O1 EDO Q . -12.02 -0.79 26.26
C2 EDO Q . -13.75 -2.42 25.86
O2 EDO Q . -14.53 -1.49 26.61
NI NI R . -44.48 -3.59 18.32
NI NI S . -21.39 -31.90 33.28
NI NI T . -26.32 -28.51 27.16
#